data_3S2S
#
_entry.id   3S2S
#
_cell.length_a   76.490
_cell.length_b   80.120
_cell.length_c   130.960
_cell.angle_alpha   90.00
_cell.angle_beta   90.00
_cell.angle_gamma   90.00
#
_symmetry.space_group_name_H-M   'P 21 21 21'
#
loop_
_entity.id
_entity.type
_entity.pdbx_description
1 polymer 'Putative pyrazinamidase/nicotinamidase'
2 non-polymer 'ZINC ION'
3 non-polymer 'CACODYLIC ACID'
4 water water
#
_entity_poly.entity_id   1
_entity_poly.type   'polypeptide(L)'
_entity_poly.pdbx_seq_one_letter_code
;MGSSHHHHHHSSGLVPRGSHMASMTGGQQMGRGSMSKALISIDYTYDFVADDGKLTAGKPAQAISKAIAQVTQKAYDNGD
YIFFTIDGHDEGDDFHPETKLFPPHNIKGTSGRDLYGALADFYQKHENDKRVFWMDKRHYSAFSGTDLDIRLRERRVDTV
VLTGVLTDICVLHTAIDAYNLGYQIEVVQSAVASLSQENHQFALNHLQNVLGATIIE
;
_entity_poly.pdbx_strand_id   A,B,C,D
#
# COMPACT_ATOMS: atom_id res chain seq x y z
N SER A 36 -9.03 8.69 19.04
CA SER A 36 -8.26 9.78 18.47
C SER A 36 -8.85 10.28 17.15
N LYS A 37 -8.91 11.61 16.99
CA LYS A 37 -9.30 12.23 15.71
C LYS A 37 -8.16 13.02 15.11
N ALA A 38 -8.12 13.10 13.79
CA ALA A 38 -7.15 13.96 13.13
C ALA A 38 -7.82 14.84 12.12
N LEU A 39 -7.47 16.11 12.14
CA LEU A 39 -7.97 17.06 11.16
C LEU A 39 -6.93 17.18 10.05
N ILE A 40 -7.37 16.99 8.81
CA ILE A 40 -6.46 17.08 7.66
C ILE A 40 -6.72 18.41 6.97
N SER A 41 -5.67 19.24 6.81
CA SER A 41 -5.79 20.56 6.19
C SER A 41 -5.18 20.49 4.80
N ILE A 42 -6.04 20.42 3.80
CA ILE A 42 -5.56 20.04 2.47
C ILE A 42 -5.38 21.25 1.55
N ASP A 43 -4.11 21.57 1.23
CA ASP A 43 -3.76 22.52 0.16
C ASP A 43 -4.36 23.90 0.26
N TYR A 44 -4.59 24.40 1.46
CA TYR A 44 -5.20 25.73 1.59
C TYR A 44 -4.12 26.81 1.47
N THR A 45 -3.51 26.88 0.29
CA THR A 45 -2.37 27.76 0.09
C THR A 45 -2.66 28.89 -0.89
N TYR A 46 -1.74 29.85 -0.94
CA TYR A 46 -1.90 30.98 -1.85
C TYR A 46 -2.17 30.61 -3.29
N ASP A 47 -1.41 29.65 -3.83
CA ASP A 47 -1.63 29.28 -5.24
C ASP A 47 -3.02 28.70 -5.54
N PHE A 48 -3.66 28.13 -4.53
CA PHE A 48 -5.00 27.56 -4.72
C PHE A 48 -6.14 28.48 -4.32
N VAL A 49 -5.82 29.57 -3.63
CA VAL A 49 -6.85 30.39 -2.99
C VAL A 49 -6.78 31.87 -3.37
N ALA A 50 -5.58 32.43 -3.41
CA ALA A 50 -5.41 33.88 -3.54
C ALA A 50 -5.81 34.38 -4.93
N ASP A 51 -6.19 35.66 -5.00
CA ASP A 51 -6.48 36.24 -6.30
C ASP A 51 -5.36 35.98 -7.32
N ASP A 52 -4.11 36.14 -6.91
CA ASP A 52 -2.99 36.02 -7.86
C ASP A 52 -2.38 34.61 -7.88
N GLY A 53 -3.03 33.65 -7.24
CA GLY A 53 -2.52 32.30 -7.16
C GLY A 53 -2.49 31.59 -8.50
N LYS A 54 -1.46 30.78 -8.71
CA LYS A 54 -1.23 30.15 -10.01
C LYS A 54 -2.28 29.13 -10.46
N LEU A 55 -3.02 28.54 -9.53
CA LEU A 55 -4.07 27.60 -9.90
C LEU A 55 -5.23 27.85 -8.98
N THR A 56 -5.60 29.12 -8.86
CA THR A 56 -6.51 29.52 -7.80
C THR A 56 -7.98 29.18 -8.11
N ALA A 57 -8.68 28.72 -7.08
CA ALA A 57 -10.13 28.52 -7.12
C ALA A 57 -10.87 29.84 -6.86
N GLY A 58 -10.14 30.87 -6.41
CA GLY A 58 -10.71 32.21 -6.33
C GLY A 58 -11.72 32.45 -5.21
N LYS A 59 -12.75 33.24 -5.49
CA LYS A 59 -13.68 33.67 -4.43
C LYS A 59 -14.30 32.53 -3.61
N PRO A 60 -14.73 31.44 -4.26
CA PRO A 60 -15.29 30.35 -3.44
C PRO A 60 -14.28 29.80 -2.44
N ALA A 61 -13.01 29.72 -2.82
CA ALA A 61 -12.00 29.21 -1.90
C ALA A 61 -11.69 30.25 -0.82
N GLN A 62 -11.69 31.53 -1.20
CA GLN A 62 -11.41 32.57 -0.21
C GLN A 62 -12.54 32.64 0.80
N ALA A 63 -13.74 32.29 0.37
CA ALA A 63 -14.92 32.39 1.21
C ALA A 63 -14.82 31.53 2.48
N ILE A 64 -14.03 30.46 2.42
CA ILE A 64 -13.92 29.58 3.58
C ILE A 64 -12.79 29.92 4.54
N SER A 65 -12.09 31.01 4.27
CA SER A 65 -10.86 31.30 5.02
C SER A 65 -11.07 31.40 6.55
N LYS A 66 -12.09 32.10 6.98
CA LYS A 66 -12.35 32.22 8.42
C LYS A 66 -12.81 30.89 9.00
N ALA A 67 -13.71 30.21 8.31
CA ALA A 67 -14.26 28.95 8.80
C ALA A 67 -13.18 27.88 8.94
N ILE A 68 -12.31 27.76 7.93
CA ILE A 68 -11.33 26.69 7.98
C ILE A 68 -10.34 26.99 9.11
N ALA A 69 -10.00 28.26 9.33
CA ALA A 69 -9.15 28.57 10.48
C ALA A 69 -9.83 28.23 11.80
N GLN A 70 -11.09 28.60 11.93
CA GLN A 70 -11.80 28.36 13.17
C GLN A 70 -11.96 26.89 13.48
N VAL A 71 -12.27 26.09 12.47
CA VAL A 71 -12.48 24.67 12.71
C VAL A 71 -11.17 23.98 13.06
N THR A 72 -10.07 24.45 12.47
CA THR A 72 -8.74 23.91 12.78
C THR A 72 -8.35 24.25 14.23
N GLN A 73 -8.56 25.49 14.65
CA GLN A 73 -8.27 25.84 16.03
C GLN A 73 -9.14 25.02 16.98
N LYS A 74 -10.40 24.83 16.62
CA LYS A 74 -11.30 24.07 17.48
C LYS A 74 -10.87 22.62 17.61
N ALA A 75 -10.52 22.01 16.48
CA ALA A 75 -10.06 20.61 16.51
C ALA A 75 -8.86 20.51 17.42
N TYR A 76 -7.94 21.47 17.29
CA TYR A 76 -6.73 21.47 18.11
C TYR A 76 -7.07 21.63 19.59
N ASP A 77 -7.98 22.55 19.89
CA ASP A 77 -8.45 22.76 21.28
C ASP A 77 -9.11 21.50 21.85
N ASN A 78 -9.75 20.73 20.97
CA ASN A 78 -10.41 19.51 21.39
C ASN A 78 -9.46 18.34 21.61
N GLY A 79 -8.19 18.55 21.31
CA GLY A 79 -7.17 17.52 21.49
C GLY A 79 -6.82 16.71 20.23
N ASP A 80 -7.25 17.18 19.07
CA ASP A 80 -7.05 16.42 17.84
C ASP A 80 -5.65 16.66 17.31
N TYR A 81 -5.19 15.76 16.46
CA TYR A 81 -3.95 15.97 15.71
C TYR A 81 -4.28 16.77 14.47
N ILE A 82 -3.35 17.61 14.03
CA ILE A 82 -3.58 18.47 12.87
C ILE A 82 -2.51 18.21 11.83
N PHE A 83 -2.91 17.86 10.61
CA PHE A 83 -1.96 17.54 9.54
C PHE A 83 -2.16 18.47 8.35
N PHE A 84 -1.18 19.34 8.10
CA PHE A 84 -1.18 20.16 6.89
C PHE A 84 -0.56 19.34 5.76
N THR A 85 -1.36 19.02 4.75
CA THR A 85 -0.88 18.12 3.69
C THR A 85 -0.90 18.94 2.42
N ILE A 86 0.30 19.28 1.96
CA ILE A 86 0.46 20.40 1.04
C ILE A 86 1.27 20.03 -0.19
N ASP A 87 0.65 20.22 -1.34
CA ASP A 87 1.31 20.02 -2.63
C ASP A 87 2.67 20.73 -2.62
N GLY A 88 3.70 20.04 -3.09
CA GLY A 88 5.03 20.63 -3.21
C GLY A 88 5.66 20.16 -4.50
N HIS A 89 5.72 21.04 -5.51
CA HIS A 89 6.10 20.62 -6.85
C HIS A 89 7.44 21.17 -7.29
N ASP A 90 8.00 20.51 -8.30
CA ASP A 90 9.21 21.00 -8.98
C ASP A 90 8.82 21.42 -10.39
N GLU A 91 9.30 22.58 -10.81
CA GLU A 91 8.91 23.12 -12.10
C GLU A 91 9.19 22.24 -13.32
N GLY A 92 10.39 21.69 -13.40
CA GLY A 92 10.76 21.03 -14.65
C GLY A 92 10.15 19.67 -14.91
N ASP A 93 9.44 19.12 -13.91
CA ASP A 93 9.38 17.66 -13.78
C ASP A 93 8.55 16.89 -14.80
N ASP A 94 9.20 16.47 -15.89
CA ASP A 94 8.53 15.73 -16.93
C ASP A 94 8.19 14.29 -16.51
N PHE A 95 8.69 13.85 -15.35
CA PHE A 95 8.37 12.52 -14.85
C PHE A 95 7.07 12.47 -14.06
N HIS A 96 6.56 13.64 -13.71
CA HIS A 96 5.26 13.73 -13.03
C HIS A 96 4.15 13.96 -14.07
N PRO A 97 3.17 13.04 -14.14
CA PRO A 97 2.07 13.15 -15.12
C PRO A 97 1.32 14.45 -14.99
N GLU A 98 1.34 15.03 -13.80
CA GLU A 98 0.56 16.21 -13.50
C GLU A 98 1.12 17.42 -14.22
N THR A 99 2.41 17.35 -14.56
CA THR A 99 3.09 18.47 -15.19
C THR A 99 2.45 18.85 -16.52
N LYS A 100 1.90 17.87 -17.21
CA LYS A 100 1.23 18.10 -18.49
C LYS A 100 -0.19 18.64 -18.34
N LEU A 101 -0.74 18.52 -17.14
CA LEU A 101 -2.18 18.72 -16.94
C LEU A 101 -2.53 20.10 -16.40
N PHE A 102 -1.60 20.70 -15.65
CA PHE A 102 -1.86 21.98 -14.99
C PHE A 102 -0.65 22.87 -15.03
N PRO A 103 -0.88 24.19 -14.99
CA PRO A 103 0.22 25.15 -14.91
C PRO A 103 1.00 24.89 -13.63
N PRO A 104 2.28 25.28 -13.59
CA PRO A 104 3.06 25.17 -12.36
C PRO A 104 2.31 25.79 -11.21
N HIS A 105 2.34 25.14 -10.05
CA HIS A 105 1.61 25.64 -8.88
C HIS A 105 2.26 25.03 -7.66
N ASN A 106 2.21 25.74 -6.53
CA ASN A 106 2.81 25.26 -5.28
C ASN A 106 4.24 24.78 -5.46
N ILE A 107 5.02 25.57 -6.19
CA ILE A 107 6.41 25.21 -6.42
C ILE A 107 7.22 25.34 -5.13
N LYS A 108 8.01 24.33 -4.83
CA LYS A 108 8.85 24.32 -3.64
C LYS A 108 9.74 25.56 -3.64
N GLY A 109 9.82 26.21 -2.48
CA GLY A 109 10.64 27.39 -2.30
C GLY A 109 9.95 28.71 -2.64
N THR A 110 8.68 28.64 -3.05
CA THR A 110 7.94 29.83 -3.44
C THR A 110 6.84 30.19 -2.44
N SER A 111 6.42 31.46 -2.49
CA SER A 111 5.38 31.96 -1.62
C SER A 111 4.01 31.34 -1.93
N GLY A 112 3.87 30.74 -3.12
CA GLY A 112 2.64 30.06 -3.49
C GLY A 112 2.23 28.97 -2.52
N ARG A 113 3.21 28.39 -1.80
CA ARG A 113 2.92 27.32 -0.84
C ARG A 113 2.57 27.86 0.55
N ASP A 114 2.58 29.18 0.71
CA ASP A 114 2.18 29.77 1.99
C ASP A 114 0.72 29.44 2.26
N LEU A 115 0.38 29.12 3.50
CA LEU A 115 -1.01 28.96 3.89
C LEU A 115 -1.77 30.29 3.77
N TYR A 116 -3.04 30.21 3.39
CA TYR A 116 -3.84 31.42 3.17
C TYR A 116 -4.71 31.73 4.37
N GLY A 117 -4.80 33.02 4.74
CA GLY A 117 -5.63 33.40 5.87
C GLY A 117 -5.03 33.09 7.23
N ALA A 118 -5.89 33.00 8.25
CA ALA A 118 -5.43 32.84 9.62
C ALA A 118 -4.83 31.47 9.89
N LEU A 119 -5.04 30.53 8.97
CA LEU A 119 -4.43 29.22 9.09
C LEU A 119 -2.91 29.36 9.12
N ALA A 120 -2.39 30.37 8.41
CA ALA A 120 -0.95 30.62 8.42
C ALA A 120 -0.46 30.97 9.83
N ASP A 121 -1.22 31.79 10.55
CA ASP A 121 -0.86 32.14 11.92
C ASP A 121 -0.93 30.91 12.82
N PHE A 122 -1.97 30.08 12.64
CA PHE A 122 -2.05 28.85 13.41
C PHE A 122 -0.80 28.00 13.21
N TYR A 123 -0.41 27.78 11.96
CA TYR A 123 0.75 26.93 11.72
C TYR A 123 2.01 27.54 12.34
N GLN A 124 2.23 28.82 12.10
CA GLN A 124 3.41 29.48 12.65
C GLN A 124 3.47 29.31 14.16
N LYS A 125 2.32 29.46 14.83
CA LYS A 125 2.29 29.40 16.30
C LYS A 125 2.52 28.00 16.82
N HIS A 126 2.25 27.00 15.99
CA HIS A 126 2.37 25.61 16.41
C HIS A 126 3.40 24.86 15.60
N GLU A 127 4.36 25.58 15.06
CA GLU A 127 5.38 25.01 14.18
C GLU A 127 6.22 23.91 14.86
N ASN A 128 6.26 23.91 16.19
CA ASN A 128 7.06 22.96 16.96
C ASN A 128 6.21 22.11 17.90
N ASP A 129 4.91 22.11 17.66
CA ASP A 129 3.95 21.39 18.49
C ASP A 129 3.89 19.93 18.05
N LYS A 130 4.07 19.02 19.00
CA LYS A 130 4.06 17.57 18.72
C LYS A 130 2.80 17.11 18.00
N ARG A 131 1.71 17.86 18.14
CA ARG A 131 0.43 17.43 17.58
C ARG A 131 0.12 18.04 16.22
N VAL A 132 1.04 18.87 15.72
CA VAL A 132 0.81 19.57 14.45
C VAL A 132 1.90 19.19 13.45
N PHE A 133 1.49 18.77 12.25
CA PHE A 133 2.40 18.23 11.25
C PHE A 133 2.29 18.99 9.95
N TRP A 134 3.43 19.11 9.27
CA TRP A 134 3.45 19.57 7.89
C TRP A 134 3.98 18.44 7.03
N MET A 135 3.23 18.09 5.98
CA MET A 135 3.62 17.01 5.08
C MET A 135 3.58 17.49 3.66
N ASP A 136 4.69 17.39 2.95
CA ASP A 136 4.69 17.68 1.54
C ASP A 136 4.10 16.51 0.76
N LYS A 137 3.34 16.81 -0.29
CA LYS A 137 2.80 15.73 -1.11
C LYS A 137 2.95 16.09 -2.58
N ARG A 138 2.91 15.06 -3.45
CA ARG A 138 3.05 15.30 -4.88
C ARG A 138 1.86 14.85 -5.69
N HIS A 139 1.02 13.99 -5.11
CA HIS A 139 -0.23 13.59 -5.77
C HIS A 139 -1.38 14.31 -5.11
N TYR A 140 -2.58 14.09 -5.60
CA TYR A 140 -3.72 14.81 -5.06
C TYR A 140 -4.09 14.35 -3.65
N SER A 141 -4.12 13.03 -3.46
CA SER A 141 -4.38 12.48 -2.14
C SER A 141 -3.27 12.74 -1.12
N ALA A 142 -3.66 13.11 0.09
CA ALA A 142 -2.72 13.35 1.17
C ALA A 142 -1.99 12.08 1.62
N PHE A 143 -2.52 10.92 1.23
CA PHE A 143 -1.94 9.64 1.64
C PHE A 143 -0.88 9.15 0.67
N SER A 144 -0.95 9.59 -0.59
CA SER A 144 -0.15 8.96 -1.63
C SER A 144 1.33 9.37 -1.57
N GLY A 145 2.21 8.40 -1.28
CA GLY A 145 3.64 8.71 -1.22
C GLY A 145 4.07 9.44 0.05
N THR A 146 3.16 9.54 1.02
CA THR A 146 3.45 10.20 2.29
C THR A 146 3.45 9.19 3.43
N ASP A 147 3.71 9.66 4.66
CA ASP A 147 3.56 8.77 5.81
C ASP A 147 2.36 9.12 6.66
N LEU A 148 1.31 9.65 6.01
CA LEU A 148 0.12 10.04 6.76
C LEU A 148 -0.53 8.84 7.46
N ASP A 149 -0.72 7.73 6.75
CA ASP A 149 -1.37 6.56 7.35
C ASP A 149 -0.52 6.10 8.55
N ILE A 150 0.79 6.09 8.36
CA ILE A 150 1.68 5.62 9.45
C ILE A 150 1.50 6.47 10.71
N ARG A 151 1.47 7.78 10.52
CA ARG A 151 1.38 8.69 11.67
C ARG A 151 0.02 8.54 12.35
N LEU A 152 -1.03 8.37 11.56
CA LEU A 152 -2.37 8.19 12.14
C LEU A 152 -2.45 6.89 12.92
N ARG A 153 -1.87 5.82 12.39
CA ARG A 153 -1.95 4.50 13.04
C ARG A 153 -1.15 4.48 14.34
N GLU A 154 -0.04 5.20 14.36
CA GLU A 154 0.75 5.32 15.59
C GLU A 154 -0.12 5.85 16.72
N ARG A 155 -1.01 6.77 16.37
CA ARG A 155 -1.86 7.47 17.33
C ARG A 155 -3.24 6.82 17.53
N ARG A 156 -3.44 5.69 16.88
CA ARG A 156 -4.71 4.97 16.89
C ARG A 156 -5.87 5.85 16.48
N VAL A 157 -5.63 6.73 15.51
CA VAL A 157 -6.70 7.58 15.00
C VAL A 157 -7.72 6.74 14.24
N ASP A 158 -9.00 6.91 14.53
CA ASP A 158 -9.99 6.17 13.77
C ASP A 158 -10.83 7.04 12.84
N THR A 159 -10.74 8.36 13.02
CA THR A 159 -11.57 9.28 12.24
C THR A 159 -10.71 10.41 11.69
N VAL A 160 -10.83 10.68 10.39
CA VAL A 160 -10.23 11.89 9.82
C VAL A 160 -11.30 12.91 9.51
N VAL A 161 -10.99 14.17 9.79
CA VAL A 161 -11.84 15.32 9.51
C VAL A 161 -11.20 16.08 8.36
N LEU A 162 -11.88 16.12 7.22
CA LEU A 162 -11.27 16.71 6.03
C LEU A 162 -11.67 18.16 5.82
N THR A 163 -10.69 19.01 5.56
CA THR A 163 -10.92 20.42 5.24
C THR A 163 -9.99 20.79 4.11
N GLY A 164 -10.30 21.88 3.41
CA GLY A 164 -9.38 22.40 2.41
C GLY A 164 -9.95 22.38 1.01
N VAL A 165 -9.08 22.31 0.01
CA VAL A 165 -9.46 22.45 -1.41
C VAL A 165 -8.69 21.44 -2.25
N LEU A 166 -9.17 21.09 -3.45
CA LEU A 166 -10.50 21.42 -3.93
C LEU A 166 -11.37 20.21 -3.57
N THR A 167 -12.64 20.46 -3.32
CA THR A 167 -13.54 19.40 -2.83
C THR A 167 -13.49 18.16 -3.72
N ASP A 168 -13.51 18.38 -5.04
CA ASP A 168 -13.64 17.31 -6.01
C ASP A 168 -12.31 16.72 -6.51
N ILE A 169 -11.17 17.24 -6.03
CA ILE A 169 -9.89 16.67 -6.43
C ILE A 169 -9.11 16.25 -5.17
N CYS A 170 -8.36 17.16 -4.54
CA CYS A 170 -7.55 16.71 -3.39
C CYS A 170 -8.34 16.21 -2.18
N VAL A 171 -9.47 16.85 -1.89
CA VAL A 171 -10.28 16.40 -0.80
C VAL A 171 -10.89 15.04 -1.15
N LEU A 172 -11.48 14.94 -2.35
CA LEU A 172 -12.06 13.66 -2.80
C LEU A 172 -11.04 12.50 -2.83
N HIS A 173 -9.87 12.72 -3.42
CA HIS A 173 -8.88 11.63 -3.49
C HIS A 173 -8.44 11.24 -2.08
N THR A 174 -8.26 12.23 -1.22
CA THR A 174 -7.84 11.94 0.16
C THR A 174 -8.91 11.12 0.86
N ALA A 175 -10.17 11.50 0.64
CA ALA A 175 -11.28 10.74 1.23
C ALA A 175 -11.37 9.30 0.73
N ILE A 176 -11.16 9.09 -0.57
CA ILE A 176 -11.24 7.75 -1.16
C ILE A 176 -10.13 6.89 -0.54
N ASP A 177 -8.93 7.45 -0.42
CA ASP A 177 -7.86 6.68 0.21
C ASP A 177 -8.19 6.38 1.67
N ALA A 178 -8.75 7.37 2.37
CA ALA A 178 -9.10 7.16 3.78
C ALA A 178 -10.15 6.04 3.91
N TYR A 179 -11.11 6.02 2.98
CA TYR A 179 -12.14 4.97 2.98
C TYR A 179 -11.49 3.62 2.76
N ASN A 180 -10.58 3.54 1.81
CA ASN A 180 -9.99 2.24 1.47
C ASN A 180 -9.11 1.77 2.62
N LEU A 181 -8.60 2.70 3.40
CA LEU A 181 -7.76 2.41 4.57
C LEU A 181 -8.54 2.28 5.87
N GLY A 182 -9.87 2.27 5.77
CA GLY A 182 -10.70 1.95 6.92
C GLY A 182 -10.94 3.05 7.94
N TYR A 183 -10.67 4.30 7.59
CA TYR A 183 -10.98 5.44 8.44
C TYR A 183 -12.45 5.83 8.40
N GLN A 184 -12.99 6.24 9.54
CA GLN A 184 -14.22 7.02 9.54
C GLN A 184 -13.88 8.41 9.00
N ILE A 185 -14.80 9.02 8.28
CA ILE A 185 -14.54 10.28 7.61
C ILE A 185 -15.59 11.31 7.95
N GLU A 186 -15.15 12.49 8.35
CA GLU A 186 -16.03 13.65 8.48
C GLU A 186 -15.55 14.68 7.48
N VAL A 187 -16.48 15.42 6.89
CA VAL A 187 -16.10 16.53 6.03
C VAL A 187 -16.81 17.77 6.55
N VAL A 188 -16.06 18.85 6.75
CA VAL A 188 -16.68 20.05 7.29
C VAL A 188 -17.13 20.91 6.12
N GLN A 189 -18.43 20.97 5.86
CA GLN A 189 -18.91 21.58 4.63
C GLN A 189 -18.48 23.05 4.48
N SER A 190 -18.44 23.78 5.59
CA SER A 190 -18.11 25.20 5.55
C SER A 190 -16.62 25.43 5.40
N ALA A 191 -15.85 24.34 5.39
CA ALA A 191 -14.39 24.47 5.31
C ALA A 191 -13.79 23.63 4.17
N VAL A 192 -14.58 23.39 3.13
CA VAL A 192 -14.06 22.81 1.88
C VAL A 192 -14.64 23.63 0.75
N ALA A 193 -13.92 23.69 -0.38
CA ALA A 193 -14.43 24.44 -1.54
C ALA A 193 -13.82 23.98 -2.86
N SER A 194 -14.51 24.27 -3.96
CA SER A 194 -13.93 24.06 -5.28
C SER A 194 -14.24 25.26 -6.16
N LEU A 195 -13.58 25.34 -7.32
CA LEU A 195 -13.84 26.41 -8.27
C LEU A 195 -15.18 26.14 -8.90
N SER A 196 -15.34 24.88 -9.30
CA SER A 196 -16.57 24.39 -9.90
C SER A 196 -17.59 24.03 -8.83
N GLN A 197 -18.66 24.80 -8.72
CA GLN A 197 -19.66 24.48 -7.72
C GLN A 197 -20.41 23.19 -8.07
N GLU A 198 -20.57 22.92 -9.37
CA GLU A 198 -21.16 21.65 -9.79
C GLU A 198 -20.32 20.51 -9.25
N ASN A 199 -19.00 20.64 -9.36
CA ASN A 199 -18.13 19.55 -8.97
C ASN A 199 -18.07 19.44 -7.46
N HIS A 200 -18.20 20.58 -6.78
CA HIS A 200 -18.24 20.63 -5.33
C HIS A 200 -19.42 19.82 -4.81
N GLN A 201 -20.58 20.02 -5.44
CA GLN A 201 -21.78 19.27 -5.02
C GLN A 201 -21.67 17.79 -5.35
N PHE A 202 -21.14 17.48 -6.53
CA PHE A 202 -20.89 16.09 -6.88
C PHE A 202 -20.05 15.46 -5.79
N ALA A 203 -19.00 16.16 -5.38
CA ALA A 203 -18.07 15.61 -4.37
C ALA A 203 -18.75 15.39 -3.02
N LEU A 204 -19.49 16.39 -2.54
CA LEU A 204 -20.19 16.22 -1.27
C LEU A 204 -21.16 15.03 -1.31
N ASN A 205 -21.90 14.90 -2.41
CA ASN A 205 -22.83 13.79 -2.56
C ASN A 205 -22.06 12.46 -2.54
N HIS A 206 -20.91 12.42 -3.21
CA HIS A 206 -20.14 11.18 -3.30
C HIS A 206 -19.57 10.84 -1.93
N LEU A 207 -19.00 11.84 -1.27
CA LEU A 207 -18.46 11.63 0.07
C LEU A 207 -19.52 11.01 0.99
N GLN A 208 -20.70 11.61 1.05
CA GLN A 208 -21.77 11.09 1.90
C GLN A 208 -22.34 9.77 1.43
N ASN A 209 -22.77 9.70 0.18
CA ASN A 209 -23.58 8.54 -0.24
C ASN A 209 -22.79 7.32 -0.71
N VAL A 210 -21.54 7.52 -1.08
CA VAL A 210 -20.69 6.44 -1.55
C VAL A 210 -19.69 6.05 -0.47
N LEU A 211 -19.04 7.05 0.14
CA LEU A 211 -18.07 6.77 1.20
C LEU A 211 -18.63 6.71 2.61
N GLY A 212 -19.89 7.09 2.78
CA GLY A 212 -20.50 7.10 4.10
C GLY A 212 -19.93 8.15 5.04
N ALA A 213 -19.33 9.18 4.48
CA ALA A 213 -18.79 10.27 5.30
C ALA A 213 -19.91 11.06 5.98
N THR A 214 -19.59 11.63 7.14
CA THR A 214 -20.49 12.56 7.80
C THR A 214 -20.22 13.96 7.30
N ILE A 215 -21.20 14.57 6.64
CA ILE A 215 -21.07 15.95 6.22
C ILE A 215 -21.56 16.83 7.36
N ILE A 216 -20.65 17.54 7.96
CA ILE A 216 -20.94 18.43 9.05
C ILE A 216 -21.25 19.81 8.53
N GLU A 217 -22.47 20.26 8.80
CA GLU A 217 -23.09 21.46 8.24
C GLU A 217 -23.57 22.45 9.31
N SER B 36 15.79 1.74 -16.82
CA SER B 36 17.06 1.97 -16.16
C SER B 36 17.04 1.35 -14.75
N LYS B 37 18.16 1.48 -14.04
CA LYS B 37 18.24 0.93 -12.69
C LYS B 37 18.25 2.07 -11.69
N ALA B 38 17.96 1.74 -10.43
CA ALA B 38 18.12 2.72 -9.37
C ALA B 38 18.98 2.10 -8.30
N LEU B 39 19.96 2.86 -7.83
CA LEU B 39 20.76 2.39 -6.71
C LEU B 39 20.19 3.05 -5.46
N ILE B 40 19.98 2.23 -4.43
CA ILE B 40 19.43 2.72 -3.16
C ILE B 40 20.57 2.71 -2.15
N SER B 41 20.79 3.85 -1.51
CA SER B 41 21.90 3.97 -0.55
C SER B 41 21.26 4.10 0.83
N ILE B 42 21.33 3.02 1.60
CA ILE B 42 20.51 2.89 2.78
C ILE B 42 21.28 3.21 4.06
N ASP B 43 20.93 4.32 4.68
CA ASP B 43 21.34 4.62 6.06
C ASP B 43 22.84 4.65 6.35
N TYR B 44 23.66 5.07 5.40
CA TYR B 44 25.10 5.03 5.63
C TYR B 44 25.53 6.34 6.30
N THR B 45 25.03 6.54 7.53
CA THR B 45 25.23 7.80 8.25
C THR B 45 26.21 7.64 9.41
N TYR B 46 26.64 8.78 9.95
CA TYR B 46 27.55 8.78 11.09
C TYR B 46 27.04 7.97 12.27
N ASP B 47 25.76 8.12 12.61
CA ASP B 47 25.21 7.43 13.76
C ASP B 47 25.17 5.91 13.62
N PHE B 48 25.13 5.42 12.38
CA PHE B 48 25.16 3.98 12.14
C PHE B 48 26.54 3.42 11.83
N VAL B 49 27.49 4.30 11.47
CA VAL B 49 28.81 3.83 11.03
C VAL B 49 30.00 4.28 11.89
N ALA B 50 30.01 5.54 12.29
CA ALA B 50 31.20 6.15 12.93
C ALA B 50 31.49 5.62 14.33
N ASP B 51 32.75 5.70 14.75
CA ASP B 51 33.11 5.24 16.09
C ASP B 51 32.22 5.88 17.14
N ASP B 52 31.99 7.18 17.01
CA ASP B 52 31.19 7.94 17.98
C ASP B 52 29.69 8.01 17.62
N GLY B 53 29.25 7.17 16.70
CA GLY B 53 27.85 7.19 16.27
C GLY B 53 26.90 6.64 17.33
N LYS B 54 25.74 7.28 17.46
CA LYS B 54 24.78 6.92 18.52
C LYS B 54 24.25 5.48 18.45
N LEU B 55 24.23 4.88 17.26
CA LEU B 55 23.76 3.51 17.12
C LEU B 55 24.68 2.77 16.17
N THR B 56 25.98 2.93 16.39
CA THR B 56 26.93 2.50 15.38
C THR B 56 27.12 0.99 15.28
N ALA B 57 27.28 0.53 14.04
CA ALA B 57 27.63 -0.85 13.73
C ALA B 57 29.14 -1.03 13.76
N GLY B 58 29.87 0.08 13.86
CA GLY B 58 31.31 0.03 14.11
C GLY B 58 32.17 -0.40 12.94
N LYS B 59 33.28 -1.08 13.24
CA LYS B 59 34.27 -1.45 12.24
C LYS B 59 33.72 -2.13 10.97
N PRO B 60 32.83 -3.12 11.13
CA PRO B 60 32.29 -3.78 9.94
C PRO B 60 31.57 -2.80 9.00
N ALA B 61 30.91 -1.79 9.55
CA ALA B 61 30.22 -0.78 8.75
C ALA B 61 31.24 0.13 8.10
N GLN B 62 32.27 0.50 8.85
CA GLN B 62 33.30 1.39 8.33
C GLN B 62 34.07 0.73 7.19
N ALA B 63 34.15 -0.59 7.22
CA ALA B 63 35.00 -1.30 6.29
C ALA B 63 34.53 -1.15 4.84
N ILE B 64 33.24 -0.88 4.64
CA ILE B 64 32.70 -0.78 3.29
C ILE B 64 32.72 0.64 2.77
N SER B 65 33.31 1.56 3.54
CA SER B 65 33.22 2.98 3.20
C SER B 65 33.74 3.35 1.81
N LYS B 66 34.90 2.82 1.43
CA LYS B 66 35.43 3.11 0.10
C LYS B 66 34.59 2.48 -1.01
N ALA B 67 34.23 1.21 -0.83
CA ALA B 67 33.48 0.44 -1.81
C ALA B 67 32.08 1.03 -2.07
N ILE B 68 31.39 1.42 -1.02
CA ILE B 68 30.03 1.93 -1.22
C ILE B 68 30.10 3.26 -1.97
N ALA B 69 31.14 4.06 -1.70
CA ALA B 69 31.34 5.31 -2.45
C ALA B 69 31.64 5.02 -3.92
N GLN B 70 32.54 4.08 -4.16
CA GLN B 70 32.90 3.73 -5.54
C GLN B 70 31.73 3.16 -6.35
N VAL B 71 30.96 2.26 -5.73
CA VAL B 71 29.88 1.60 -6.45
C VAL B 71 28.78 2.60 -6.77
N THR B 72 28.60 3.57 -5.87
CA THR B 72 27.59 4.60 -6.06
C THR B 72 27.99 5.51 -7.23
N GLN B 73 29.25 5.92 -7.26
CA GLN B 73 29.72 6.73 -8.39
C GLN B 73 29.62 5.95 -9.70
N LYS B 74 29.99 4.67 -9.66
CA LYS B 74 29.93 3.84 -10.87
C LYS B 74 28.49 3.73 -11.40
N ALA B 75 27.55 3.45 -10.50
CA ALA B 75 26.15 3.31 -10.87
C ALA B 75 25.68 4.60 -11.56
N TYR B 76 26.02 5.73 -10.96
CA TYR B 76 25.67 7.02 -11.53
C TYR B 76 26.32 7.20 -12.92
N ASP B 77 27.61 6.86 -13.05
CA ASP B 77 28.28 6.97 -14.34
C ASP B 77 27.59 6.11 -15.38
N ASN B 78 27.01 5.01 -14.93
CA ASN B 78 26.37 4.04 -15.83
C ASN B 78 24.94 4.41 -16.18
N GLY B 79 24.47 5.56 -15.69
CA GLY B 79 23.13 6.03 -16.02
C GLY B 79 22.04 5.76 -15.00
N ASP B 80 22.40 5.23 -13.83
CA ASP B 80 21.39 4.85 -12.83
C ASP B 80 20.89 6.07 -12.04
N TYR B 81 19.64 6.00 -11.55
CA TYR B 81 19.14 6.97 -10.58
C TYR B 81 19.71 6.61 -9.22
N ILE B 82 19.91 7.60 -8.35
CA ILE B 82 20.50 7.35 -7.03
C ILE B 82 19.57 7.86 -5.93
N PHE B 83 19.18 6.97 -5.02
CA PHE B 83 18.26 7.37 -3.94
C PHE B 83 18.92 7.14 -2.60
N PHE B 84 19.19 8.23 -1.88
CA PHE B 84 19.64 8.16 -0.48
C PHE B 84 18.42 8.10 0.43
N THR B 85 18.25 6.97 1.11
CA THR B 85 17.06 6.72 1.92
C THR B 85 17.51 6.60 3.36
N ILE B 86 17.24 7.66 4.15
CA ILE B 86 17.95 7.87 5.40
C ILE B 86 17.03 8.01 6.63
N ASP B 87 17.26 7.16 7.62
CA ASP B 87 16.57 7.23 8.90
C ASP B 87 16.60 8.66 9.45
N GLY B 88 15.45 9.16 9.87
CA GLY B 88 15.37 10.49 10.46
C GLY B 88 14.33 10.53 11.57
N HIS B 89 14.75 10.92 12.77
CA HIS B 89 13.84 10.94 13.91
C HIS B 89 13.59 12.40 14.31
N ASP B 90 12.33 12.82 14.38
CA ASP B 90 11.98 14.15 14.89
C ASP B 90 12.26 14.16 16.41
N GLU B 91 12.84 15.24 16.92
CA GLU B 91 13.29 15.23 18.32
C GLU B 91 12.20 14.85 19.33
N GLY B 92 11.06 15.50 19.26
CA GLY B 92 10.01 15.24 20.24
C GLY B 92 8.99 14.18 19.86
N ASP B 93 9.46 13.03 19.39
CA ASP B 93 8.57 12.00 18.84
C ASP B 93 8.52 10.71 19.64
N ASP B 94 7.55 10.59 20.55
CA ASP B 94 7.45 9.42 21.40
C ASP B 94 6.51 8.38 20.80
N PHE B 95 5.99 8.57 19.61
CA PHE B 95 5.11 7.58 19.00
C PHE B 95 5.86 6.62 18.07
N HIS B 96 7.17 6.82 17.93
CA HIS B 96 7.98 5.95 17.07
C HIS B 96 8.19 4.58 17.73
N PRO B 97 7.99 3.51 16.97
CA PRO B 97 8.08 2.17 17.57
C PRO B 97 9.51 1.88 18.07
N GLU B 98 10.52 2.53 17.51
CA GLU B 98 11.90 2.27 17.90
C GLU B 98 12.23 2.83 19.28
N THR B 99 11.35 3.67 19.80
CA THR B 99 11.62 4.31 21.08
C THR B 99 11.81 3.29 22.19
N LYS B 100 11.06 2.19 22.13
CA LYS B 100 11.19 1.14 23.13
C LYS B 100 12.47 0.31 22.96
N LEU B 101 13.10 0.41 21.81
CA LEU B 101 14.19 -0.49 21.43
C LEU B 101 15.58 0.17 21.48
N PHE B 102 15.71 1.35 20.90
CA PHE B 102 17.03 1.95 20.69
C PHE B 102 17.14 3.34 21.28
N PRO B 103 18.37 3.73 21.68
CA PRO B 103 18.66 5.08 22.14
C PRO B 103 18.49 6.04 20.97
N PRO B 104 18.35 7.35 21.25
CA PRO B 104 18.20 8.35 20.20
C PRO B 104 19.33 8.25 19.18
N HIS B 105 18.98 8.37 17.89
CA HIS B 105 19.99 8.33 16.84
C HIS B 105 19.39 8.97 15.59
N ASN B 106 20.26 9.40 14.68
CA ASN B 106 19.83 10.04 13.45
C ASN B 106 18.74 11.08 13.68
N ILE B 107 18.96 11.95 14.65
CA ILE B 107 18.00 12.99 14.97
C ILE B 107 18.05 14.06 13.88
N LYS B 108 16.89 14.45 13.39
CA LYS B 108 16.86 15.47 12.34
C LYS B 108 17.54 16.74 12.83
N GLY B 109 18.32 17.36 11.96
CA GLY B 109 19.04 18.57 12.32
C GLY B 109 20.39 18.34 12.98
N THR B 110 20.81 17.08 13.11
CA THR B 110 22.08 16.78 13.75
C THR B 110 23.10 16.17 12.80
N SER B 111 24.35 16.17 13.22
CA SER B 111 25.45 15.68 12.40
C SER B 111 25.44 14.15 12.29
N GLY B 112 24.66 13.49 13.14
CA GLY B 112 24.56 12.04 13.11
C GLY B 112 23.96 11.55 11.80
N ARG B 113 23.16 12.39 11.15
CA ARG B 113 22.52 12.02 9.87
C ARG B 113 23.43 12.30 8.67
N ASP B 114 24.59 12.87 8.92
CA ASP B 114 25.57 13.09 7.86
C ASP B 114 25.99 11.76 7.24
N LEU B 115 26.18 11.75 5.92
CA LEU B 115 26.66 10.55 5.23
C LEU B 115 28.12 10.30 5.61
N TYR B 116 28.46 9.03 5.82
CA TYR B 116 29.82 8.71 6.26
C TYR B 116 30.73 8.43 5.07
N GLY B 117 31.94 8.99 5.10
CA GLY B 117 32.90 8.70 4.06
C GLY B 117 32.72 9.51 2.79
N ALA B 118 33.31 9.04 1.69
CA ALA B 118 33.27 9.74 0.42
C ALA B 118 31.86 9.85 -0.15
N LEU B 119 30.96 9.00 0.34
CA LEU B 119 29.59 9.06 -0.07
C LEU B 119 29.04 10.49 0.15
N ALA B 120 29.49 11.13 1.24
CA ALA B 120 29.03 12.48 1.57
C ALA B 120 29.41 13.50 0.50
N ASP B 121 30.59 13.34 -0.10
CA ASP B 121 31.01 14.22 -1.17
C ASP B 121 30.22 13.97 -2.45
N PHE B 122 29.90 12.71 -2.73
CA PHE B 122 29.05 12.42 -3.87
C PHE B 122 27.75 13.21 -3.71
N TYR B 123 27.15 13.11 -2.54
CA TYR B 123 25.86 13.76 -2.35
C TYR B 123 25.97 15.29 -2.47
N GLN B 124 26.97 15.88 -1.81
CA GLN B 124 27.21 17.31 -1.91
C GLN B 124 27.31 17.79 -3.35
N LYS B 125 28.10 17.08 -4.15
CA LYS B 125 28.26 17.42 -5.57
C LYS B 125 26.99 17.29 -6.39
N HIS B 126 26.08 16.39 -5.99
CA HIS B 126 24.89 16.14 -6.79
C HIS B 126 23.60 16.53 -6.07
N GLU B 127 23.73 17.46 -5.14
CA GLU B 127 22.61 17.87 -4.31
C GLU B 127 21.45 18.40 -5.13
N ASN B 128 21.75 18.97 -6.30
CA ASN B 128 20.70 19.53 -7.16
C ASN B 128 20.49 18.74 -8.46
N ASP B 129 21.09 17.56 -8.52
CA ASP B 129 21.00 16.72 -9.70
C ASP B 129 19.61 16.06 -9.72
N LYS B 130 18.87 16.23 -10.81
CA LYS B 130 17.53 15.62 -10.89
C LYS B 130 17.52 14.10 -10.84
N ARG B 131 18.68 13.47 -11.01
CA ARG B 131 18.79 12.01 -10.99
C ARG B 131 19.12 11.47 -9.60
N VAL B 132 19.38 12.37 -8.66
CA VAL B 132 19.79 12.00 -7.30
C VAL B 132 18.78 12.52 -6.28
N PHE B 133 18.41 11.68 -5.33
CA PHE B 133 17.32 12.00 -4.40
C PHE B 133 17.74 11.76 -2.96
N TRP B 134 17.23 12.60 -2.06
CA TRP B 134 17.35 12.35 -0.62
C TRP B 134 15.95 12.17 -0.06
N MET B 135 15.73 11.05 0.63
CA MET B 135 14.41 10.72 1.18
C MET B 135 14.56 10.41 2.66
N ASP B 136 13.86 11.16 3.51
CA ASP B 136 13.81 10.83 4.93
C ASP B 136 12.89 9.64 5.14
N LYS B 137 13.27 8.71 6.00
CA LYS B 137 12.41 7.56 6.29
C LYS B 137 12.36 7.28 7.79
N ARG B 138 11.31 6.60 8.25
CA ARG B 138 11.19 6.32 9.68
C ARG B 138 11.09 4.85 10.04
N HIS B 139 10.77 4.00 9.08
CA HIS B 139 10.82 2.57 9.29
C HIS B 139 12.09 2.02 8.67
N TYR B 140 12.34 0.73 8.83
CA TYR B 140 13.59 0.18 8.31
C TYR B 140 13.64 0.16 6.78
N SER B 141 12.53 -0.27 6.18
CA SER B 141 12.45 -0.31 4.71
C SER B 141 12.39 1.09 4.12
N ALA B 142 13.16 1.29 3.06
CA ALA B 142 13.19 2.55 2.34
C ALA B 142 11.86 2.86 1.65
N PHE B 143 10.97 1.88 1.57
CA PHE B 143 9.71 2.14 0.87
C PHE B 143 8.60 2.60 1.82
N SER B 144 8.73 2.31 3.11
CA SER B 144 7.59 2.45 4.02
C SER B 144 7.37 3.91 4.38
N GLY B 145 6.23 4.45 3.96
CA GLY B 145 5.91 5.82 4.28
C GLY B 145 6.65 6.86 3.43
N THR B 146 7.35 6.39 2.40
CA THR B 146 8.08 7.29 1.52
C THR B 146 7.41 7.28 0.16
N ASP B 147 7.96 8.05 -0.77
CA ASP B 147 7.48 8.00 -2.15
C ASP B 147 8.47 7.30 -3.09
N LEU B 148 9.23 6.37 -2.54
CA LEU B 148 10.22 5.66 -3.35
C LEU B 148 9.58 4.89 -4.48
N ASP B 149 8.53 4.12 -4.19
CA ASP B 149 7.90 3.37 -5.26
C ASP B 149 7.34 4.32 -6.34
N ILE B 150 6.75 5.45 -5.93
CA ILE B 150 6.22 6.39 -6.91
C ILE B 150 7.31 6.92 -7.83
N ARG B 151 8.44 7.31 -7.25
CA ARG B 151 9.53 7.87 -8.05
C ARG B 151 10.11 6.82 -8.99
N LEU B 152 10.22 5.58 -8.51
CA LEU B 152 10.72 4.51 -9.35
C LEU B 152 9.78 4.24 -10.52
N ARG B 153 8.49 4.14 -10.22
CA ARG B 153 7.50 3.86 -11.24
CA ARG B 153 7.52 3.87 -11.26
C ARG B 153 7.44 4.98 -12.30
N GLU B 154 7.62 6.23 -11.85
CA GLU B 154 7.61 7.35 -12.79
C GLU B 154 8.66 7.15 -13.85
N ARG B 155 9.77 6.52 -13.44
CA ARG B 155 10.92 6.33 -14.32
C ARG B 155 10.98 4.94 -14.97
N ARG B 156 9.92 4.15 -14.77
CA ARG B 156 9.88 2.78 -15.28
C ARG B 156 11.11 1.99 -14.87
N VAL B 157 11.59 2.22 -13.66
CA VAL B 157 12.69 1.44 -13.14
C VAL B 157 12.25 0.02 -12.84
N ASP B 158 12.99 -0.97 -13.34
CA ASP B 158 12.61 -2.35 -13.04
C ASP B 158 13.54 -3.07 -12.07
N THR B 159 14.66 -2.46 -11.74
CA THR B 159 15.68 -3.12 -10.93
C THR B 159 16.21 -2.15 -9.89
N VAL B 160 16.28 -2.60 -8.64
CA VAL B 160 16.91 -1.80 -7.58
C VAL B 160 18.22 -2.45 -7.16
N VAL B 161 19.22 -1.63 -6.93
CA VAL B 161 20.55 -2.11 -6.52
C VAL B 161 20.76 -1.62 -5.09
N LEU B 162 20.83 -2.56 -4.15
CA LEU B 162 20.85 -2.18 -2.73
C LEU B 162 22.27 -2.11 -2.17
N THR B 163 22.52 -1.02 -1.46
CA THR B 163 23.75 -0.80 -0.74
C THR B 163 23.44 -0.18 0.61
N GLY B 164 24.38 -0.29 1.55
CA GLY B 164 24.24 0.37 2.83
C GLY B 164 24.17 -0.59 3.99
N VAL B 165 23.56 -0.16 5.09
CA VAL B 165 23.53 -0.97 6.32
C VAL B 165 22.13 -0.96 6.89
N LEU B 166 21.79 -1.93 7.73
CA LEU B 166 22.54 -3.16 7.95
C LEU B 166 21.93 -4.23 7.07
N THR B 167 22.73 -5.22 6.69
CA THR B 167 22.31 -6.18 5.68
C THR B 167 21.05 -6.90 6.09
N ASP B 168 20.98 -7.24 7.37
CA ASP B 168 19.89 -8.06 7.87
C ASP B 168 18.72 -7.25 8.41
N ILE B 169 18.78 -5.93 8.33
CA ILE B 169 17.68 -5.13 8.85
C ILE B 169 17.21 -4.16 7.76
N CYS B 170 17.80 -2.97 7.66
CA CYS B 170 17.26 -2.02 6.67
C CYS B 170 17.44 -2.49 5.22
N VAL B 171 18.59 -3.10 4.90
CA VAL B 171 18.74 -3.68 3.56
C VAL B 171 17.70 -4.77 3.32
N LEU B 172 17.59 -5.69 4.28
CA LEU B 172 16.67 -6.83 4.14
C LEU B 172 15.23 -6.36 4.00
N HIS B 173 14.80 -5.45 4.87
CA HIS B 173 13.41 -4.98 4.81
C HIS B 173 13.13 -4.28 3.49
N THR B 174 14.11 -3.51 3.02
CA THR B 174 13.93 -2.80 1.74
C THR B 174 13.78 -3.81 0.61
N ALA B 175 14.59 -4.85 0.65
CA ALA B 175 14.55 -5.89 -0.39
C ALA B 175 13.22 -6.64 -0.37
N ILE B 176 12.71 -6.94 0.82
CA ILE B 176 11.43 -7.64 0.94
C ILE B 176 10.31 -6.78 0.33
N ASP B 177 10.30 -5.48 0.66
CA ASP B 177 9.29 -4.59 0.06
C ASP B 177 9.47 -4.54 -1.45
N ALA B 178 10.72 -4.44 -1.89
CA ALA B 178 10.98 -4.42 -3.33
C ALA B 178 10.45 -5.69 -4.03
N TYR B 179 10.69 -6.85 -3.43
CA TYR B 179 10.19 -8.12 -3.96
C TYR B 179 8.66 -8.10 -4.04
N ASN B 180 8.03 -7.66 -2.97
CA ASN B 180 6.56 -7.65 -2.94
C ASN B 180 5.97 -6.68 -3.96
N LEU B 181 6.75 -5.65 -4.30
CA LEU B 181 6.38 -4.65 -5.32
C LEU B 181 6.86 -5.01 -6.74
N GLY B 182 7.42 -6.21 -6.93
CA GLY B 182 7.76 -6.66 -8.27
C GLY B 182 9.03 -6.16 -8.93
N TYR B 183 9.94 -5.57 -8.13
CA TYR B 183 11.28 -5.19 -8.63
C TYR B 183 12.21 -6.37 -8.72
N GLN B 184 13.09 -6.35 -9.72
CA GLN B 184 14.30 -7.17 -9.69
C GLN B 184 15.24 -6.53 -8.70
N ILE B 185 16.02 -7.37 -8.02
CA ILE B 185 16.87 -6.91 -6.92
C ILE B 185 18.31 -7.34 -7.13
N GLU B 186 19.22 -6.38 -7.04
CA GLU B 186 20.65 -6.69 -6.95
C GLU B 186 21.15 -6.20 -5.60
N VAL B 187 22.09 -6.93 -5.02
CA VAL B 187 22.69 -6.49 -3.76
C VAL B 187 24.20 -6.49 -3.97
N VAL B 188 24.86 -5.39 -3.66
CA VAL B 188 26.33 -5.31 -3.85
C VAL B 188 27.03 -5.78 -2.58
N GLN B 189 27.59 -6.99 -2.62
CA GLN B 189 28.10 -7.63 -1.42
C GLN B 189 29.15 -6.79 -0.70
N SER B 190 30.00 -6.13 -1.47
CA SER B 190 31.07 -5.31 -0.91
C SER B 190 30.60 -3.96 -0.39
N ALA B 191 29.31 -3.64 -0.58
CA ALA B 191 28.83 -2.34 -0.18
C ALA B 191 27.62 -2.45 0.74
N VAL B 192 27.49 -3.61 1.38
CA VAL B 192 26.54 -3.75 2.49
C VAL B 192 27.30 -4.34 3.68
N ALA B 193 26.81 -4.12 4.88
CA ALA B 193 27.48 -4.68 6.05
C ALA B 193 26.50 -4.87 7.18
N SER B 194 26.82 -5.80 8.08
CA SER B 194 25.99 -6.05 9.24
C SER B 194 26.85 -5.98 10.48
N LEU B 195 26.22 -6.09 11.65
CA LEU B 195 26.93 -6.06 12.92
C LEU B 195 27.79 -7.32 13.11
N SER B 196 27.29 -8.45 12.63
CA SER B 196 28.04 -9.71 12.72
C SER B 196 28.05 -10.42 11.39
N GLN B 197 29.12 -11.16 11.13
CA GLN B 197 29.25 -11.92 9.91
C GLN B 197 28.10 -12.92 9.77
N GLU B 198 27.65 -13.48 10.89
CA GLU B 198 26.57 -14.45 10.90
C GLU B 198 25.27 -13.83 10.39
N ASN B 199 24.91 -12.67 10.93
CA ASN B 199 23.73 -11.95 10.45
C ASN B 199 23.84 -11.56 8.99
N HIS B 200 25.02 -11.08 8.60
CA HIS B 200 25.31 -10.70 7.21
C HIS B 200 25.05 -11.90 6.29
N GLN B 201 25.49 -13.07 6.71
CA GLN B 201 25.33 -14.26 5.90
C GLN B 201 23.89 -14.77 5.84
N PHE B 202 23.16 -14.68 6.97
CA PHE B 202 21.76 -15.08 6.96
C PHE B 202 21.05 -14.23 5.93
N ALA B 203 21.36 -12.94 5.95
CA ALA B 203 20.66 -12.00 5.08
C ALA B 203 20.99 -12.24 3.61
N LEU B 204 22.27 -12.42 3.28
CA LEU B 204 22.61 -12.67 1.90
C LEU B 204 21.95 -13.94 1.38
N ASN B 205 21.96 -14.99 2.19
CA ASN B 205 21.31 -16.23 1.79
C ASN B 205 19.81 -16.02 1.56
N HIS B 206 19.17 -15.26 2.44
CA HIS B 206 17.73 -14.98 2.29
C HIS B 206 17.48 -14.20 1.01
N LEU B 207 18.27 -13.14 0.80
CA LEU B 207 18.14 -12.32 -0.40
C LEU B 207 18.23 -13.19 -1.66
N GLN B 208 19.24 -14.05 -1.72
CA GLN B 208 19.45 -14.89 -2.89
C GLN B 208 18.42 -15.98 -3.06
N ASN B 209 18.19 -16.75 -2.00
CA ASN B 209 17.41 -17.99 -2.10
C ASN B 209 15.91 -17.85 -1.88
N VAL B 210 15.50 -16.78 -1.21
CA VAL B 210 14.09 -16.50 -0.93
C VAL B 210 13.56 -15.40 -1.86
N LEU B 211 14.34 -14.34 -2.03
CA LEU B 211 13.87 -13.24 -2.89
C LEU B 211 14.40 -13.31 -4.32
N GLY B 212 15.30 -14.26 -4.61
CA GLY B 212 15.88 -14.34 -5.94
C GLY B 212 16.75 -13.15 -6.34
N ALA B 213 17.33 -12.46 -5.36
CA ALA B 213 18.19 -11.34 -5.65
C ALA B 213 19.51 -11.79 -6.26
N THR B 214 20.05 -10.96 -7.13
CA THR B 214 21.40 -11.16 -7.65
C THR B 214 22.41 -10.54 -6.70
N ILE B 215 23.31 -11.37 -6.17
CA ILE B 215 24.36 -10.86 -5.29
C ILE B 215 25.56 -10.54 -6.17
N ILE B 216 25.96 -9.29 -6.19
CA ILE B 216 27.06 -8.78 -6.96
C ILE B 216 28.31 -8.65 -6.12
N GLU B 217 29.38 -9.24 -6.60
CA GLU B 217 30.63 -9.26 -5.87
C GLU B 217 31.73 -8.50 -6.61
N SER C 36 -10.06 -6.36 18.44
CA SER C 36 -9.24 -6.92 19.51
C SER C 36 -7.91 -7.49 19.00
N LYS C 37 -7.77 -8.81 19.07
CA LYS C 37 -6.58 -9.49 18.54
C LYS C 37 -6.95 -10.43 17.40
N ALA C 38 -6.01 -10.64 16.50
CA ALA C 38 -6.21 -11.62 15.45
C ALA C 38 -5.06 -12.60 15.47
N LEU C 39 -5.40 -13.87 15.40
CA LEU C 39 -4.40 -14.92 15.25
C LEU C 39 -4.25 -15.23 13.78
N ILE C 40 -3.00 -15.25 13.29
CA ILE C 40 -2.75 -15.49 11.88
C ILE C 40 -2.13 -16.86 11.81
N SER C 41 -2.72 -17.72 10.99
CA SER C 41 -2.25 -19.10 10.86
C SER C 41 -1.60 -19.25 9.50
N ILE C 42 -0.28 -19.27 9.47
CA ILE C 42 0.44 -19.08 8.22
C ILE C 42 0.97 -20.39 7.63
N ASP C 43 0.40 -20.78 6.48
CA ASP C 43 0.92 -21.85 5.63
C ASP C 43 1.11 -23.23 6.28
N TYR C 44 0.26 -23.60 7.24
CA TYR C 44 0.48 -24.86 7.93
C TYR C 44 -0.18 -26.00 7.14
N THR C 45 0.31 -26.22 5.93
CA THR C 45 -0.32 -27.15 5.00
C THR C 45 0.50 -28.42 4.80
N TYR C 46 -0.15 -29.41 4.21
CA TYR C 46 0.51 -30.68 3.90
C TYR C 46 1.83 -30.48 3.15
N ASP C 47 1.85 -29.60 2.15
CA ASP C 47 3.04 -29.46 1.32
C ASP C 47 4.22 -28.85 2.09
N PHE C 48 3.93 -28.07 3.13
CA PHE C 48 5.01 -27.48 3.91
C PHE C 48 5.39 -28.29 5.15
N VAL C 49 4.56 -29.28 5.51
CA VAL C 49 4.74 -29.98 6.79
C VAL C 49 4.89 -31.52 6.70
N ALA C 50 4.08 -32.15 5.85
CA ALA C 50 4.00 -33.62 5.78
C ALA C 50 5.29 -34.25 5.26
N ASP C 51 5.52 -35.51 5.65
CA ASP C 51 6.73 -36.17 5.17
C ASP C 51 6.86 -36.12 3.65
N ASP C 52 5.74 -36.31 2.94
CA ASP C 52 5.80 -36.32 1.47
C ASP C 52 5.30 -34.99 0.86
N GLY C 53 5.31 -33.95 1.66
CA GLY C 53 4.94 -32.62 1.15
C GLY C 53 5.91 -32.13 0.10
N LYS C 54 5.37 -31.46 -0.92
CA LYS C 54 6.19 -31.02 -2.04
C LYS C 54 7.29 -30.03 -1.67
N LEU C 55 7.11 -29.28 -0.58
CA LEU C 55 8.13 -28.30 -0.19
C LEU C 55 8.26 -28.36 1.32
N THR C 56 8.37 -29.58 1.83
CA THR C 56 8.23 -29.79 3.26
C THR C 56 9.43 -29.37 4.12
N ALA C 57 9.12 -28.76 5.26
CA ALA C 57 10.11 -28.49 6.30
C ALA C 57 10.26 -29.68 7.24
N GLY C 58 9.43 -30.70 7.05
CA GLY C 58 9.61 -31.98 7.73
C GLY C 58 9.42 -31.98 9.24
N LYS C 59 10.31 -32.69 9.95
CA LYS C 59 10.10 -32.95 11.37
C LYS C 59 9.91 -31.70 12.26
N PRO C 60 10.74 -30.67 12.07
CA PRO C 60 10.61 -29.46 12.92
C PRO C 60 9.23 -28.83 12.75
N ALA C 61 8.66 -28.94 11.56
CA ALA C 61 7.34 -28.36 11.31
C ALA C 61 6.26 -29.26 11.89
N GLN C 62 6.47 -30.57 11.79
CA GLN C 62 5.52 -31.53 12.33
C GLN C 62 5.46 -31.43 13.84
N ALA C 63 6.58 -31.03 14.44
CA ALA C 63 6.70 -31.01 15.89
C ALA C 63 5.73 -30.02 16.56
N ILE C 64 5.28 -29.00 15.81
CA ILE C 64 4.39 -27.99 16.39
C ILE C 64 2.92 -28.26 16.11
N SER C 65 2.62 -29.43 15.52
CA SER C 65 1.25 -29.70 15.08
C SER C 65 0.23 -29.64 16.22
N LYS C 66 0.52 -30.30 17.33
CA LYS C 66 -0.39 -30.22 18.47
C LYS C 66 -0.51 -28.81 19.06
N ALA C 67 0.63 -28.15 19.27
CA ALA C 67 0.65 -26.79 19.82
C ALA C 67 -0.13 -25.78 18.98
N ILE C 68 0.05 -25.84 17.66
CA ILE C 68 -0.57 -24.82 16.81
C ILE C 68 -2.09 -24.98 16.81
N ALA C 69 -2.54 -26.23 16.87
CA ALA C 69 -3.98 -26.48 16.95
C ALA C 69 -4.52 -25.97 18.28
N GLN C 70 -3.81 -26.27 19.38
CA GLN C 70 -4.23 -25.82 20.71
C GLN C 70 -4.31 -24.30 20.85
N VAL C 71 -3.30 -23.59 20.35
CA VAL C 71 -3.27 -22.16 20.53
C VAL C 71 -4.34 -21.49 19.66
N THR C 72 -4.64 -22.11 18.52
CA THR C 72 -5.68 -21.57 17.64
C THR C 72 -7.06 -21.68 18.30
N GLN C 73 -7.31 -22.80 18.95
CA GLN C 73 -8.58 -22.98 19.66
C GLN C 73 -8.68 -22.00 20.81
N LYS C 74 -7.58 -21.87 21.56
CA LYS C 74 -7.55 -20.92 22.67
C LYS C 74 -7.85 -19.48 22.21
N ALA C 75 -7.25 -19.07 21.09
CA ALA C 75 -7.50 -17.73 20.57
C ALA C 75 -8.96 -17.57 20.24
N TYR C 76 -9.53 -18.60 19.61
CA TYR C 76 -10.94 -18.56 19.24
C TYR C 76 -11.81 -18.46 20.52
N ASP C 77 -11.48 -19.27 21.53
CA ASP C 77 -12.19 -19.22 22.82
C ASP C 77 -12.09 -17.83 23.49
N ASN C 78 -10.98 -17.14 23.25
CA ASN C 78 -10.74 -15.81 23.81
C ASN C 78 -11.42 -14.67 23.06
N GLY C 79 -12.09 -14.99 21.95
CA GLY C 79 -12.77 -13.96 21.18
C GLY C 79 -11.97 -13.36 20.04
N ASP C 80 -10.80 -13.93 19.79
CA ASP C 80 -9.91 -13.43 18.72
C ASP C 80 -10.48 -13.78 17.35
N TYR C 81 -10.07 -13.02 16.33
CA TYR C 81 -10.36 -13.36 14.96
C TYR C 81 -9.27 -14.33 14.49
N ILE C 82 -9.62 -15.28 13.62
CA ILE C 82 -8.64 -16.27 13.16
C ILE C 82 -8.51 -16.21 11.64
N PHE C 83 -7.29 -15.99 11.13
CA PHE C 83 -7.07 -15.86 9.69
C PHE C 83 -6.12 -16.93 9.21
N PHE C 84 -6.62 -17.86 8.39
CA PHE C 84 -5.78 -18.84 7.71
C PHE C 84 -5.28 -18.22 6.39
N THR C 85 -3.97 -17.96 6.32
CA THR C 85 -3.39 -17.23 5.20
C THR C 85 -2.45 -18.21 4.50
N ILE C 86 -2.90 -18.69 3.34
CA ILE C 86 -2.37 -19.94 2.79
C ILE C 86 -1.89 -19.76 1.36
N ASP C 87 -0.61 -20.06 1.16
CA ASP C 87 -0.01 -20.09 -0.17
C ASP C 87 -0.91 -20.86 -1.13
N GLY C 88 -1.14 -20.30 -2.32
CA GLY C 88 -1.93 -20.98 -3.33
C GLY C 88 -1.37 -20.64 -4.71
N HIS C 89 -0.90 -21.65 -5.43
CA HIS C 89 -0.40 -21.42 -6.78
C HIS C 89 -1.37 -21.98 -7.82
N ASP C 90 -1.74 -21.15 -8.79
CA ASP C 90 -2.51 -21.62 -9.95
C ASP C 90 -1.61 -22.45 -10.86
N GLU C 91 -2.17 -23.45 -11.50
CA GLU C 91 -1.39 -24.40 -12.29
C GLU C 91 -0.68 -23.71 -13.45
N GLY C 92 -1.38 -22.99 -14.29
CA GLY C 92 -0.80 -22.44 -15.51
C GLY C 92 -0.07 -21.10 -15.35
N ASP C 93 0.50 -20.87 -14.18
CA ASP C 93 1.07 -19.56 -13.82
C ASP C 93 2.61 -19.48 -13.99
N ASP C 94 3.06 -18.88 -15.08
CA ASP C 94 4.50 -18.78 -15.37
C ASP C 94 5.11 -17.44 -14.95
N PHE C 95 4.31 -16.58 -14.34
CA PHE C 95 4.76 -15.23 -14.01
C PHE C 95 5.12 -15.07 -12.53
N HIS C 96 5.06 -16.16 -11.78
CA HIS C 96 5.39 -16.08 -10.35
C HIS C 96 6.91 -16.17 -10.13
N PRO C 97 7.49 -15.24 -9.35
CA PRO C 97 8.94 -15.29 -9.09
C PRO C 97 9.40 -16.63 -8.48
N GLU C 98 8.54 -17.23 -7.67
CA GLU C 98 8.90 -18.47 -6.97
C GLU C 98 9.17 -19.61 -7.92
N THR C 99 8.63 -19.50 -9.13
CA THR C 99 8.75 -20.58 -10.09
C THR C 99 10.23 -20.89 -10.38
N LYS C 100 11.08 -19.87 -10.29
CA LYS C 100 12.51 -20.07 -10.52
C LYS C 100 13.25 -20.51 -9.25
N LEU C 101 12.55 -20.48 -8.12
CA LEU C 101 13.18 -20.69 -6.82
C LEU C 101 12.85 -22.02 -6.14
N PHE C 102 11.62 -22.51 -6.33
CA PHE C 102 11.14 -23.71 -5.63
C PHE C 102 10.31 -24.61 -6.57
N PRO C 103 10.31 -25.95 -6.32
CA PRO C 103 9.47 -26.85 -7.11
C PRO C 103 8.00 -26.51 -6.87
N PRO C 104 7.10 -26.96 -7.75
CA PRO C 104 5.67 -26.66 -7.55
C PRO C 104 5.20 -27.14 -6.19
N HIS C 105 4.31 -26.38 -5.55
CA HIS C 105 3.80 -26.74 -4.22
C HIS C 105 2.53 -25.93 -3.94
N ASN C 106 1.70 -26.43 -3.01
CA ASN C 106 0.45 -25.76 -2.67
C ASN C 106 -0.36 -25.37 -3.90
N ILE C 107 -0.48 -26.31 -4.82
CA ILE C 107 -1.21 -26.04 -6.05
C ILE C 107 -2.70 -25.98 -5.76
N LYS C 108 -3.35 -24.92 -6.22
CA LYS C 108 -4.78 -24.77 -6.01
C LYS C 108 -5.52 -26.00 -6.51
N GLY C 109 -6.49 -26.45 -5.73
CA GLY C 109 -7.24 -27.64 -6.10
C GLY C 109 -6.63 -28.98 -5.70
N THR C 110 -5.45 -28.96 -5.07
CA THR C 110 -4.80 -30.20 -4.68
C THR C 110 -4.76 -30.39 -3.16
N SER C 111 -4.52 -31.64 -2.75
CA SER C 111 -4.48 -32.01 -1.33
C SER C 111 -3.27 -31.43 -0.56
N GLY C 112 -2.24 -30.98 -1.28
CA GLY C 112 -1.10 -30.37 -0.66
C GLY C 112 -1.46 -29.10 0.11
N ARG C 113 -2.57 -28.47 -0.25
CA ARG C 113 -3.02 -27.26 0.43
C ARG C 113 -3.90 -27.55 1.64
N ASP C 114 -4.17 -28.82 1.90
CA ASP C 114 -4.91 -29.23 3.10
C ASP C 114 -4.13 -28.76 4.31
N LEU C 115 -4.82 -28.28 5.34
CA LEU C 115 -4.16 -28.00 6.63
C LEU C 115 -3.68 -29.30 7.27
N TYR C 116 -2.53 -29.21 7.94
CA TYR C 116 -1.90 -30.36 8.57
C TYR C 116 -2.30 -30.52 10.03
N GLY C 117 -2.63 -31.75 10.42
CA GLY C 117 -2.95 -32.03 11.81
C GLY C 117 -4.32 -31.58 12.27
N ALA C 118 -4.48 -31.43 13.58
CA ALA C 118 -5.78 -31.08 14.15
C ALA C 118 -6.27 -29.69 13.73
N LEU C 119 -5.36 -28.86 13.23
CA LEU C 119 -5.73 -27.55 12.75
C LEU C 119 -6.78 -27.68 11.64
N ALA C 120 -6.70 -28.74 10.84
CA ALA C 120 -7.69 -28.95 9.78
C ALA C 120 -9.09 -29.16 10.34
N ASP C 121 -9.18 -29.87 11.46
CA ASP C 121 -10.45 -30.14 12.12
C ASP C 121 -11.02 -28.82 12.63
N PHE C 122 -10.16 -27.96 13.18
CA PHE C 122 -10.64 -26.66 13.63
C PHE C 122 -11.29 -25.89 12.48
N TYR C 123 -10.61 -25.83 11.34
CA TYR C 123 -11.11 -25.05 10.23
C TYR C 123 -12.45 -25.61 9.69
N GLN C 124 -12.49 -26.94 9.51
CA GLN C 124 -13.69 -27.63 9.05
C GLN C 124 -14.86 -27.31 9.96
N LYS C 125 -14.63 -27.41 11.27
CA LYS C 125 -15.69 -27.14 12.24
C LYS C 125 -16.16 -25.68 12.23
N HIS C 126 -15.28 -24.74 11.87
CA HIS C 126 -15.60 -23.32 11.96
C HIS C 126 -15.59 -22.59 10.62
N GLU C 127 -15.72 -23.36 9.55
CA GLU C 127 -15.66 -22.83 8.19
C GLU C 127 -16.58 -21.62 8.03
N ASN C 128 -17.79 -21.74 8.57
CA ASN C 128 -18.81 -20.71 8.37
C ASN C 128 -18.94 -19.73 9.52
N ASP C 129 -17.98 -19.73 10.44
CA ASP C 129 -18.01 -18.79 11.56
C ASP C 129 -17.53 -17.42 11.10
N LYS C 130 -18.24 -16.37 11.50
CA LYS C 130 -17.90 -15.00 11.08
C LYS C 130 -16.49 -14.57 11.46
N ARG C 131 -15.91 -15.27 12.44
CA ARG C 131 -14.66 -14.84 13.04
C ARG C 131 -13.50 -15.64 12.47
N VAL C 132 -13.80 -16.55 11.56
CA VAL C 132 -12.74 -17.41 11.01
C VAL C 132 -12.66 -17.22 9.50
N PHE C 133 -11.47 -16.92 8.99
CA PHE C 133 -11.28 -16.54 7.58
C PHE C 133 -10.26 -17.44 6.91
N TRP C 134 -10.47 -17.70 5.62
CA TRP C 134 -9.44 -18.33 4.77
C TRP C 134 -9.07 -17.36 3.68
N MET C 135 -7.78 -17.10 3.52
CA MET C 135 -7.31 -16.15 2.50
C MET C 135 -6.21 -16.81 1.71
N ASP C 136 -6.36 -16.86 0.39
CA ASP C 136 -5.27 -17.37 -0.44
C ASP C 136 -4.24 -16.27 -0.61
N LYS C 137 -2.96 -16.64 -0.62
CA LYS C 137 -1.91 -15.65 -0.85
C LYS C 137 -0.89 -16.21 -1.82
N ARG C 138 -0.13 -15.33 -2.46
CA ARG C 138 0.89 -15.76 -3.43
C ARG C 138 2.29 -15.31 -3.09
N HIS C 139 2.43 -14.33 -2.20
CA HIS C 139 3.75 -13.96 -1.71
C HIS C 139 3.96 -14.52 -0.32
N TYR C 140 5.14 -14.32 0.24
CA TYR C 140 5.39 -14.93 1.54
C TYR C 140 4.57 -14.27 2.64
N SER C 141 4.52 -12.94 2.62
CA SER C 141 3.74 -12.21 3.59
C SER C 141 2.24 -12.42 3.41
N ALA C 142 1.56 -12.65 4.53
CA ALA C 142 0.11 -12.75 4.54
C ALA C 142 -0.61 -11.46 4.11
N PHE C 143 0.08 -10.32 4.14
CA PHE C 143 -0.52 -9.04 3.77
C PHE C 143 -0.46 -8.74 2.26
N SER C 144 0.49 -9.37 1.55
CA SER C 144 0.85 -8.89 0.23
C SER C 144 -0.16 -9.39 -0.80
N GLY C 145 -0.91 -8.46 -1.37
CA GLY C 145 -1.87 -8.83 -2.38
C GLY C 145 -3.14 -9.41 -1.79
N THR C 146 -3.32 -9.35 -0.48
CA THR C 146 -4.55 -9.87 0.15
C THR C 146 -5.37 -8.72 0.74
N ASP C 147 -6.48 -9.05 1.38
CA ASP C 147 -7.25 -8.03 2.09
C ASP C 147 -7.12 -8.16 3.60
N LEU C 148 -6.00 -8.72 4.06
CA LEU C 148 -5.82 -8.92 5.50
C LEU C 148 -5.85 -7.60 6.28
N ASP C 149 -5.10 -6.59 5.83
CA ASP C 149 -5.08 -5.32 6.55
C ASP C 149 -6.49 -4.72 6.58
N ILE C 150 -7.21 -4.80 5.48
CA ILE C 150 -8.61 -4.28 5.46
C ILE C 150 -9.50 -4.97 6.49
N ARG C 151 -9.46 -6.30 6.54
CA ARG C 151 -10.30 -7.03 7.50
C ARG C 151 -9.90 -6.71 8.94
N LEU C 152 -8.60 -6.61 9.20
CA LEU C 152 -8.17 -6.26 10.54
C LEU C 152 -8.64 -4.85 10.94
N ARG C 153 -8.50 -3.88 10.02
CA ARG C 153 -8.93 -2.52 10.33
CA ARG C 153 -8.94 -2.53 10.33
C ARG C 153 -10.43 -2.43 10.56
N GLU C 154 -11.21 -3.16 9.80
CA GLU C 154 -12.66 -3.16 10.00
C GLU C 154 -13.00 -3.47 11.45
N ARG C 155 -12.18 -4.31 12.07
CA ARG C 155 -12.43 -4.83 13.41
C ARG C 155 -11.61 -4.11 14.47
N ARG C 156 -10.88 -3.08 14.03
CA ARG C 156 -10.02 -2.26 14.90
C ARG C 156 -9.06 -3.13 15.68
N VAL C 157 -8.56 -4.17 15.03
CA VAL C 157 -7.57 -5.04 15.66
C VAL C 157 -6.26 -4.30 15.81
N ASP C 158 -5.65 -4.35 17.00
CA ASP C 158 -4.38 -3.66 17.16
C ASP C 158 -3.21 -4.60 17.30
N THR C 159 -3.48 -5.90 17.46
CA THR C 159 -2.43 -6.85 17.72
C THR C 159 -2.62 -8.11 16.89
N VAL C 160 -1.57 -8.53 16.20
CA VAL C 160 -1.63 -9.80 15.47
C VAL C 160 -0.77 -10.81 16.21
N VAL C 161 -1.27 -12.04 16.28
CA VAL C 161 -0.55 -13.13 16.94
C VAL C 161 -0.14 -14.12 15.85
N LEU C 162 1.16 -14.34 15.68
CA LEU C 162 1.60 -15.11 14.52
C LEU C 162 1.93 -16.55 14.86
N THR C 163 1.44 -17.47 14.02
CA THR C 163 1.74 -18.89 14.15
C THR C 163 1.93 -19.43 12.75
N GLY C 164 2.58 -20.60 12.66
CA GLY C 164 2.76 -21.28 11.38
C GLY C 164 4.20 -21.41 10.95
N VAL C 165 4.41 -21.54 9.65
CA VAL C 165 5.75 -21.78 9.13
C VAL C 165 5.98 -20.91 7.90
N LEU C 166 7.23 -20.64 7.52
CA LEU C 166 8.44 -20.90 8.31
C LEU C 166 8.82 -19.65 9.06
N THR C 167 9.37 -19.83 10.25
CA THR C 167 9.65 -18.69 11.12
C THR C 167 10.42 -17.58 10.42
N ASP C 168 11.40 -17.98 9.61
CA ASP C 168 12.29 -17.01 8.98
C ASP C 168 11.87 -16.57 7.59
N ILE C 169 10.72 -17.04 7.11
CA ILE C 169 10.27 -16.65 5.78
C ILE C 169 8.85 -16.10 5.86
N CYS C 170 7.82 -16.94 5.73
CA CYS C 170 6.46 -16.38 5.74
C CYS C 170 6.08 -15.75 7.07
N VAL C 171 6.55 -16.30 8.19
CA VAL C 171 6.26 -15.66 9.47
C VAL C 171 6.97 -14.31 9.54
N LEU C 172 8.26 -14.31 9.22
CA LEU C 172 9.06 -13.09 9.28
C LEU C 172 8.52 -12.00 8.34
N HIS C 173 8.22 -12.36 7.09
CA HIS C 173 7.73 -11.36 6.15
C HIS C 173 6.38 -10.79 6.59
N THR C 174 5.53 -11.67 7.12
CA THR C 174 4.23 -11.22 7.63
C THR C 174 4.43 -10.24 8.78
N ALA C 175 5.38 -10.54 9.67
CA ALA C 175 5.66 -9.65 10.79
C ALA C 175 6.21 -8.30 10.37
N ILE C 176 7.08 -8.30 9.36
CA ILE C 176 7.66 -7.05 8.86
C ILE C 176 6.56 -6.16 8.27
N ASP C 177 5.66 -6.75 7.51
CA ASP C 177 4.54 -5.99 6.96
C ASP C 177 3.66 -5.49 8.12
N ALA C 178 3.45 -6.34 9.13
CA ALA C 178 2.61 -5.94 10.26
C ALA C 178 3.22 -4.76 10.99
N TYR C 179 4.55 -4.81 11.16
CA TYR C 179 5.26 -3.72 11.81
C TYR C 179 5.10 -2.44 11.01
N ASN C 180 5.30 -2.52 9.69
CA ASN C 180 5.21 -1.31 8.87
C ASN C 180 3.80 -0.75 8.85
N LEU C 181 2.80 -1.61 9.09
CA LEU C 181 1.38 -1.19 9.15
C LEU C 181 0.94 -0.83 10.58
N GLY C 182 1.87 -0.81 11.52
CA GLY C 182 1.54 -0.29 12.83
C GLY C 182 0.83 -1.23 13.81
N TYR C 183 0.88 -2.54 13.56
CA TYR C 183 0.30 -3.52 14.48
C TYR C 183 1.28 -3.85 15.58
N GLN C 184 0.77 -4.10 16.77
CA GLN C 184 1.57 -4.81 17.77
C GLN C 184 1.66 -6.27 17.33
N ILE C 185 2.76 -6.91 17.69
CA ILE C 185 3.03 -8.28 17.22
C ILE C 185 3.34 -9.22 18.37
N GLU C 186 2.67 -10.36 18.39
CA GLU C 186 3.06 -11.45 19.29
C GLU C 186 3.39 -12.62 18.41
N VAL C 187 4.34 -13.44 18.84
CA VAL C 187 4.68 -14.64 18.11
C VAL C 187 4.67 -15.79 19.11
N VAL C 188 3.96 -16.86 18.77
CA VAL C 188 3.86 -18.01 19.67
C VAL C 188 5.01 -18.96 19.36
N GLN C 189 6.04 -18.96 20.22
CA GLN C 189 7.28 -19.68 19.93
C GLN C 189 7.03 -21.17 19.71
N SER C 190 6.09 -21.75 20.45
CA SER C 190 5.83 -23.17 20.38
C SER C 190 4.95 -23.53 19.19
N ALA C 191 4.52 -22.51 18.46
CA ALA C 191 3.62 -22.70 17.31
C ALA C 191 4.14 -22.08 16.03
N VAL C 192 5.45 -21.92 15.94
CA VAL C 192 6.13 -21.54 14.69
C VAL C 192 7.35 -22.42 14.55
N ALA C 193 7.77 -22.66 13.32
CA ALA C 193 8.92 -23.53 13.12
C ALA C 193 9.60 -23.21 11.83
N SER C 194 10.90 -23.53 11.77
CA SER C 194 11.68 -23.39 10.56
C SER C 194 12.40 -24.69 10.22
N LEU C 195 13.00 -24.72 9.02
CA LEU C 195 13.85 -25.83 8.56
C LEU C 195 15.03 -26.08 9.48
N SER C 196 15.64 -25.00 9.94
CA SER C 196 16.78 -25.14 10.84
C SER C 196 16.57 -24.37 12.13
N GLN C 197 17.14 -24.88 13.20
CA GLN C 197 17.11 -24.18 14.48
C GLN C 197 17.82 -22.82 14.38
N GLU C 198 18.89 -22.77 13.58
CA GLU C 198 19.66 -21.54 13.43
C GLU C 198 18.77 -20.43 12.84
N ASN C 199 18.06 -20.77 11.80
CA ASN C 199 17.18 -19.78 11.14
C ASN C 199 15.99 -19.42 12.00
N HIS C 200 15.44 -20.41 12.69
CA HIS C 200 14.34 -20.21 13.63
C HIS C 200 14.76 -19.19 14.70
N GLN C 201 15.95 -19.41 15.26
CA GLN C 201 16.52 -18.50 16.23
C GLN C 201 16.82 -17.10 15.69
N PHE C 202 17.35 -16.99 14.47
CA PHE C 202 17.63 -15.68 13.90
C PHE C 202 16.32 -14.92 13.81
N ALA C 203 15.29 -15.62 13.34
CA ALA C 203 13.98 -15.00 13.12
C ALA C 203 13.37 -14.54 14.43
N LEU C 204 13.40 -15.38 15.46
CA LEU C 204 12.88 -14.97 16.75
C LEU C 204 13.61 -13.74 17.29
N ASN C 205 14.93 -13.71 17.15
CA ASN C 205 15.69 -12.56 17.65
C ASN C 205 15.29 -11.28 16.91
N HIS C 206 15.10 -11.39 15.59
CA HIS C 206 14.73 -10.24 14.77
C HIS C 206 13.35 -9.78 15.17
N LEU C 207 12.42 -10.73 15.28
CA LEU C 207 11.05 -10.39 15.69
C LEU C 207 11.04 -9.64 17.01
N GLN C 208 11.73 -10.15 18.03
CA GLN C 208 11.72 -9.47 19.32
C GLN C 208 12.51 -8.16 19.35
N ASN C 209 13.75 -8.20 18.86
CA ASN C 209 14.68 -7.11 19.07
C ASN C 209 14.72 -6.02 18.00
N VAL C 210 14.16 -6.33 16.82
CA VAL C 210 14.09 -5.35 15.74
C VAL C 210 12.65 -4.87 15.55
N LEU C 211 11.69 -5.80 15.57
CA LEU C 211 10.29 -5.41 15.38
C LEU C 211 9.53 -5.16 16.68
N GLY C 212 10.17 -5.45 17.81
CA GLY C 212 9.54 -5.26 19.10
C GLY C 212 8.38 -6.19 19.40
N ALA C 213 8.37 -7.37 18.77
CA ALA C 213 7.33 -8.36 19.03
C ALA C 213 7.51 -8.97 20.42
N THR C 214 6.40 -9.41 21.00
CA THR C 214 6.44 -10.16 22.24
C THR C 214 6.46 -11.63 21.88
N ILE C 215 7.49 -12.35 22.34
CA ILE C 215 7.54 -13.78 22.10
C ILE C 215 6.78 -14.46 23.23
N ILE C 216 5.80 -15.25 22.85
CA ILE C 216 4.93 -15.96 23.76
C ILE C 216 5.25 -17.43 23.80
N GLU C 217 5.34 -18.02 24.91
CA GLU C 217 5.66 -19.41 25.21
C GLU C 217 5.70 -20.26 23.94
N SER D 36 2.54 -3.53 -23.05
CA SER D 36 1.70 -4.42 -22.25
C SER D 36 0.47 -3.68 -21.71
N LYS D 37 -0.71 -4.17 -22.11
CA LYS D 37 -2.01 -3.61 -21.68
C LYS D 37 -2.91 -4.63 -20.99
N ALA D 38 -3.72 -4.12 -20.06
CA ALA D 38 -4.70 -4.93 -19.38
C ALA D 38 -6.03 -4.23 -19.42
N LEU D 39 -7.06 -4.97 -19.79
CA LEU D 39 -8.41 -4.45 -19.73
C LEU D 39 -9.02 -4.90 -18.42
N ILE D 40 -9.58 -3.94 -17.69
CA ILE D 40 -10.23 -4.22 -16.42
C ILE D 40 -11.75 -4.17 -16.64
N SER D 41 -12.43 -5.26 -16.28
CA SER D 41 -13.88 -5.39 -16.44
C SER D 41 -14.52 -5.26 -15.07
N ILE D 42 -15.10 -4.09 -14.80
CA ILE D 42 -15.48 -3.73 -13.44
C ILE D 42 -16.96 -3.91 -13.17
N ASP D 43 -17.29 -4.89 -12.33
CA ASP D 43 -18.62 -5.02 -11.73
C ASP D 43 -19.82 -5.15 -12.67
N TYR D 44 -19.61 -5.74 -13.84
CA TYR D 44 -20.75 -5.84 -14.76
C TYR D 44 -21.61 -7.09 -14.48
N THR D 45 -22.25 -7.12 -13.30
CA THR D 45 -22.97 -8.30 -12.82
C THR D 45 -24.48 -8.07 -12.86
N TYR D 46 -25.22 -9.17 -12.76
CA TYR D 46 -26.69 -9.15 -12.70
C TYR D 46 -27.20 -8.16 -11.66
N ASP D 47 -26.64 -8.19 -10.45
CA ASP D 47 -27.13 -7.34 -9.37
C ASP D 47 -26.94 -5.83 -9.59
N PHE D 48 -25.95 -5.46 -10.41
CA PHE D 48 -25.71 -4.06 -10.75
C PHE D 48 -26.33 -3.65 -12.07
N VAL D 49 -26.79 -4.61 -12.87
CA VAL D 49 -27.21 -4.30 -14.24
C VAL D 49 -28.64 -4.72 -14.62
N ALA D 50 -29.05 -5.92 -14.19
CA ALA D 50 -30.33 -6.47 -14.65
C ALA D 50 -31.53 -5.75 -14.07
N ASP D 51 -32.68 -5.90 -14.72
CA ASP D 51 -33.89 -5.25 -14.24
C ASP D 51 -34.16 -5.62 -12.78
N ASP D 52 -33.93 -6.88 -12.45
CA ASP D 52 -34.23 -7.42 -11.12
C ASP D 52 -33.02 -7.46 -10.18
N GLY D 53 -31.92 -6.82 -10.58
CA GLY D 53 -30.72 -6.83 -9.75
C GLY D 53 -30.88 -6.13 -8.42
N LYS D 54 -30.24 -6.68 -7.38
CA LYS D 54 -30.44 -6.17 -6.01
C LYS D 54 -29.99 -4.73 -5.80
N LEU D 55 -29.08 -4.25 -6.65
CA LEU D 55 -28.60 -2.88 -6.53
C LEU D 55 -28.44 -2.31 -7.94
N THR D 56 -29.43 -2.55 -8.78
CA THR D 56 -29.25 -2.31 -10.21
C THR D 56 -29.23 -0.84 -10.59
N ALA D 57 -28.40 -0.53 -11.58
CA ALA D 57 -28.39 0.78 -12.23
C ALA D 57 -29.32 0.78 -13.44
N GLY D 58 -29.94 -0.37 -13.72
CA GLY D 58 -31.00 -0.42 -14.72
C GLY D 58 -30.60 -0.11 -16.15
N LYS D 59 -31.49 0.57 -16.87
CA LYS D 59 -31.32 0.79 -18.31
C LYS D 59 -29.96 1.38 -18.76
N PRO D 60 -29.43 2.39 -18.05
CA PRO D 60 -28.15 2.98 -18.48
C PRO D 60 -27.02 1.95 -18.45
N ALA D 61 -27.03 1.05 -17.47
CA ALA D 61 -26.02 -0.01 -17.41
C ALA D 61 -26.30 -1.08 -18.49
N GLN D 62 -27.57 -1.42 -18.70
CA GLN D 62 -27.92 -2.43 -19.69
C GLN D 62 -27.51 -1.97 -21.09
N ALA D 63 -27.48 -0.65 -21.28
CA ALA D 63 -27.24 -0.10 -22.60
C ALA D 63 -25.88 -0.45 -23.19
N ILE D 64 -24.88 -0.67 -22.33
CA ILE D 64 -23.54 -0.94 -22.82
C ILE D 64 -23.24 -2.43 -22.96
N SER D 65 -24.26 -3.27 -22.79
CA SER D 65 -24.02 -4.71 -22.76
C SER D 65 -23.30 -5.22 -24.01
N LYS D 66 -23.72 -4.78 -25.19
CA LYS D 66 -23.08 -5.30 -26.41
C LYS D 66 -21.68 -4.72 -26.59
N ALA D 67 -21.57 -3.42 -26.39
CA ALA D 67 -20.27 -2.75 -26.53
C ALA D 67 -19.22 -3.32 -25.57
N ILE D 68 -19.60 -3.61 -24.34
CA ILE D 68 -18.58 -4.02 -23.35
C ILE D 68 -18.09 -5.43 -23.68
N ALA D 69 -19.01 -6.29 -24.11
CA ALA D 69 -18.61 -7.63 -24.54
C ALA D 69 -17.69 -7.55 -25.76
N GLN D 70 -18.09 -6.74 -26.73
CA GLN D 70 -17.30 -6.58 -27.95
C GLN D 70 -15.89 -6.08 -27.67
N VAL D 71 -15.76 -5.02 -26.86
CA VAL D 71 -14.45 -4.42 -26.60
C VAL D 71 -13.54 -5.37 -25.83
N THR D 72 -14.14 -6.17 -24.95
CA THR D 72 -13.39 -7.15 -24.19
C THR D 72 -12.81 -8.20 -25.13
N GLN D 73 -13.63 -8.67 -26.07
CA GLN D 73 -13.18 -9.64 -27.05
C GLN D 73 -12.04 -9.06 -27.89
N LYS D 74 -12.15 -7.79 -28.26
CA LYS D 74 -11.14 -7.14 -29.08
C LYS D 74 -9.82 -6.96 -28.33
N ALA D 75 -9.92 -6.51 -27.09
CA ALA D 75 -8.73 -6.36 -26.27
C ALA D 75 -7.99 -7.69 -26.18
N TYR D 76 -8.76 -8.76 -25.95
CA TYR D 76 -8.19 -10.08 -25.83
C TYR D 76 -7.53 -10.48 -27.16
N ASP D 77 -8.12 -10.06 -28.28
CA ASP D 77 -7.54 -10.35 -29.59
C ASP D 77 -6.25 -9.60 -29.86
N ASN D 78 -6.12 -8.40 -29.30
CA ASN D 78 -4.91 -7.61 -29.43
C ASN D 78 -3.79 -8.14 -28.54
N GLY D 79 -4.08 -9.18 -27.76
CA GLY D 79 -3.08 -9.77 -26.88
C GLY D 79 -3.09 -9.24 -25.46
N ASP D 80 -4.14 -8.52 -25.09
CA ASP D 80 -4.22 -7.93 -23.75
C ASP D 80 -4.58 -8.95 -22.67
N TYR D 81 -4.26 -8.62 -21.43
CA TYR D 81 -4.69 -9.40 -20.28
C TYR D 81 -6.08 -8.90 -19.90
N ILE D 82 -6.93 -9.79 -19.40
CA ILE D 82 -8.31 -9.41 -19.07
C ILE D 82 -8.58 -9.71 -17.60
N PHE D 83 -8.97 -8.70 -16.82
CA PHE D 83 -9.22 -8.90 -15.41
C PHE D 83 -10.66 -8.55 -15.05
N PHE D 84 -11.44 -9.58 -14.70
CA PHE D 84 -12.77 -9.37 -14.14
C PHE D 84 -12.64 -9.09 -12.65
N THR D 85 -12.98 -7.86 -12.24
CA THR D 85 -12.80 -7.43 -10.86
C THR D 85 -14.19 -7.14 -10.31
N ILE D 86 -14.68 -8.04 -9.46
CA ILE D 86 -16.12 -8.16 -9.20
C ILE D 86 -16.46 -8.08 -7.72
N ASP D 87 -17.32 -7.13 -7.37
CA ASP D 87 -17.81 -6.96 -6.02
C ASP D 87 -18.32 -8.29 -5.49
N GLY D 88 -17.91 -8.66 -4.27
CA GLY D 88 -18.39 -9.91 -3.70
C GLY D 88 -18.57 -9.78 -2.20
N HIS D 89 -19.79 -9.98 -1.73
CA HIS D 89 -20.09 -9.87 -0.31
C HIS D 89 -20.29 -11.23 0.34
N ASP D 90 -19.55 -11.48 1.42
CA ASP D 90 -19.77 -12.66 2.26
C ASP D 90 -21.13 -12.49 2.97
N GLU D 91 -21.94 -13.55 2.97
CA GLU D 91 -23.26 -13.48 3.58
C GLU D 91 -23.18 -13.06 5.05
N GLY D 92 -23.95 -12.04 5.42
CA GLY D 92 -24.02 -11.58 6.80
C GLY D 92 -22.84 -10.78 7.31
N ASP D 93 -21.95 -10.39 6.42
CA ASP D 93 -20.77 -9.62 6.80
C ASP D 93 -21.11 -8.19 7.26
N ASP D 94 -21.27 -8.01 8.57
CA ASP D 94 -21.68 -6.71 9.12
C ASP D 94 -20.54 -5.69 9.31
N PHE D 95 -19.30 -6.11 9.08
CA PHE D 95 -18.19 -5.20 9.22
C PHE D 95 -17.91 -4.44 7.92
N HIS D 96 -18.67 -4.76 6.87
CA HIS D 96 -18.48 -4.09 5.59
C HIS D 96 -19.07 -2.68 5.64
N PRO D 97 -18.29 -1.68 5.22
CA PRO D 97 -18.75 -0.30 5.33
C PRO D 97 -20.02 -0.03 4.53
N GLU D 98 -20.25 -0.82 3.49
CA GLU D 98 -21.43 -0.63 2.64
C GLU D 98 -22.70 -1.04 3.36
N THR D 99 -22.54 -1.73 4.48
CA THR D 99 -23.71 -2.28 5.19
C THR D 99 -24.70 -1.17 5.56
N LYS D 100 -24.20 0.02 5.84
CA LYS D 100 -25.12 1.08 6.22
C LYS D 100 -25.63 1.85 5.01
N LEU D 101 -25.03 1.60 3.84
CA LEU D 101 -25.27 2.42 2.64
C LEU D 101 -26.23 1.75 1.65
N PHE D 102 -26.07 0.44 1.44
CA PHE D 102 -26.83 -0.26 0.40
C PHE D 102 -27.45 -1.58 0.88
N PRO D 103 -28.57 -1.97 0.25
CA PRO D 103 -29.21 -3.26 0.49
C PRO D 103 -28.25 -4.38 0.08
N PRO D 104 -28.44 -5.58 0.62
CA PRO D 104 -27.61 -6.74 0.25
C PRO D 104 -27.54 -6.92 -1.27
N HIS D 105 -26.35 -7.23 -1.78
CA HIS D 105 -26.15 -7.36 -3.22
C HIS D 105 -24.81 -8.09 -3.48
N ASN D 106 -24.70 -8.72 -4.66
CA ASN D 106 -23.50 -9.46 -5.07
C ASN D 106 -23.02 -10.40 -3.97
N ILE D 107 -23.97 -11.13 -3.37
CA ILE D 107 -23.61 -12.09 -2.33
C ILE D 107 -22.86 -13.27 -2.94
N LYS D 108 -21.74 -13.64 -2.33
CA LYS D 108 -20.96 -14.75 -2.85
C LYS D 108 -21.83 -16.01 -2.83
N GLY D 109 -21.72 -16.80 -3.89
CA GLY D 109 -22.51 -18.01 -4.01
C GLY D 109 -23.91 -17.81 -4.57
N THR D 110 -24.20 -16.60 -5.05
CA THR D 110 -25.51 -16.33 -5.63
C THR D 110 -25.42 -15.88 -7.09
N SER D 111 -26.54 -16.02 -7.81
CA SER D 111 -26.59 -15.72 -9.24
C SER D 111 -26.48 -14.23 -9.50
N GLY D 112 -26.62 -13.43 -8.44
CA GLY D 112 -26.49 -11.99 -8.58
C GLY D 112 -25.10 -11.58 -9.07
N ARG D 113 -24.09 -12.40 -8.79
CA ARG D 113 -22.72 -12.07 -9.22
C ARG D 113 -22.40 -12.61 -10.63
N ASP D 114 -23.36 -13.27 -11.28
CA ASP D 114 -23.20 -13.66 -12.69
C ASP D 114 -22.93 -12.42 -13.54
N LEU D 115 -22.04 -12.53 -14.51
CA LEU D 115 -21.82 -11.44 -15.46
C LEU D 115 -23.05 -11.25 -16.34
N TYR D 116 -23.34 -10.02 -16.74
CA TYR D 116 -24.53 -9.70 -17.51
C TYR D 116 -24.23 -9.64 -19.00
N GLY D 117 -25.11 -10.24 -19.80
CA GLY D 117 -24.94 -10.17 -21.24
C GLY D 117 -23.84 -11.08 -21.76
N ALA D 118 -23.37 -10.76 -22.95
CA ALA D 118 -22.46 -11.66 -23.66
C ALA D 118 -21.12 -11.74 -22.97
N LEU D 119 -20.85 -10.79 -22.08
CA LEU D 119 -19.61 -10.82 -21.34
C LEU D 119 -19.51 -12.14 -20.58
N ALA D 120 -20.66 -12.66 -20.17
CA ALA D 120 -20.71 -13.90 -19.41
C ALA D 120 -20.24 -15.07 -20.27
N ASP D 121 -20.52 -15.01 -21.55
CA ASP D 121 -20.14 -16.08 -22.48
C ASP D 121 -18.63 -16.01 -22.70
N PHE D 122 -18.10 -14.80 -22.82
CA PHE D 122 -16.65 -14.64 -22.85
C PHE D 122 -15.97 -15.27 -21.65
N TYR D 123 -16.43 -14.94 -20.45
CA TYR D 123 -15.76 -15.50 -19.28
C TYR D 123 -15.84 -17.02 -19.28
N GLN D 124 -17.03 -17.57 -19.52
CA GLN D 124 -17.19 -19.03 -19.55
C GLN D 124 -16.20 -19.68 -20.50
N LYS D 125 -16.04 -19.10 -21.68
CA LYS D 125 -15.20 -19.70 -22.70
C LYS D 125 -13.70 -19.50 -22.45
N HIS D 126 -13.36 -18.50 -21.65
CA HIS D 126 -11.94 -18.17 -21.44
C HIS D 126 -11.52 -18.32 -19.98
N GLU D 127 -12.39 -18.93 -19.19
CA GLU D 127 -12.14 -19.15 -17.76
C GLU D 127 -10.73 -19.70 -17.49
N ASN D 128 -10.31 -20.69 -18.27
CA ASN D 128 -9.03 -21.36 -18.04
C ASN D 128 -7.85 -20.75 -18.81
N ASP D 129 -8.06 -19.58 -19.39
CA ASP D 129 -7.06 -18.95 -20.24
C ASP D 129 -6.10 -18.20 -19.32
N LYS D 130 -4.80 -18.42 -19.50
CA LYS D 130 -3.79 -17.81 -18.65
C LYS D 130 -3.87 -16.29 -18.61
N ARG D 131 -4.49 -15.68 -19.62
CA ARG D 131 -4.54 -14.23 -19.74
C ARG D 131 -5.85 -13.64 -19.20
N VAL D 132 -6.72 -14.49 -18.69
CA VAL D 132 -8.03 -14.04 -18.19
C VAL D 132 -8.16 -14.36 -16.71
N PHE D 133 -8.52 -13.36 -15.90
CA PHE D 133 -8.54 -13.51 -14.46
C PHE D 133 -9.88 -13.10 -13.87
N TRP D 134 -10.25 -13.75 -12.78
CA TRP D 134 -11.41 -13.31 -11.99
C TRP D 134 -10.90 -12.98 -10.61
N MET D 135 -11.18 -11.76 -10.13
CA MET D 135 -10.78 -11.35 -8.79
C MET D 135 -11.99 -10.84 -8.02
N ASP D 136 -12.23 -11.38 -6.81
CA ASP D 136 -13.29 -10.84 -5.96
C ASP D 136 -12.75 -9.57 -5.31
N LYS D 137 -13.59 -8.54 -5.19
CA LYS D 137 -13.20 -7.33 -4.47
C LYS D 137 -14.31 -6.91 -3.51
N ARG D 138 -13.96 -6.07 -2.54
CA ARG D 138 -14.97 -5.61 -1.58
C ARG D 138 -15.09 -4.10 -1.48
N HIS D 139 -14.08 -3.39 -1.99
CA HIS D 139 -14.20 -1.94 -2.06
C HIS D 139 -14.50 -1.56 -3.48
N TYR D 140 -14.73 -0.27 -3.73
CA TYR D 140 -15.11 0.13 -5.08
C TYR D 140 -13.95 -0.04 -6.07
N SER D 141 -12.76 0.41 -5.68
CA SER D 141 -11.58 0.19 -6.51
C SER D 141 -11.16 -1.28 -6.68
N ALA D 142 -10.84 -1.64 -7.92
CA ALA D 142 -10.36 -2.97 -8.26
C ALA D 142 -9.01 -3.30 -7.63
N PHE D 143 -8.31 -2.26 -7.15
CA PHE D 143 -6.98 -2.48 -6.53
C PHE D 143 -7.04 -2.73 -5.04
N SER D 144 -8.10 -2.29 -4.38
CA SER D 144 -8.10 -2.26 -2.91
C SER D 144 -8.30 -3.65 -2.31
N GLY D 145 -7.28 -4.15 -1.62
CA GLY D 145 -7.40 -5.46 -1.00
C GLY D 145 -7.27 -6.61 -1.99
N THR D 146 -6.86 -6.31 -3.23
CA THR D 146 -6.72 -7.40 -4.21
C THR D 146 -5.27 -7.54 -4.57
N ASP D 147 -5.00 -8.46 -5.48
CA ASP D 147 -3.64 -8.60 -6.02
C ASP D 147 -3.51 -8.07 -7.45
N LEU D 148 -4.38 -7.11 -7.81
CA LEU D 148 -4.34 -6.60 -9.16
C LEU D 148 -3.00 -5.95 -9.49
N ASP D 149 -2.49 -5.09 -8.61
CA ASP D 149 -1.22 -4.42 -8.91
C ASP D 149 -0.11 -5.46 -9.07
N ILE D 150 -0.09 -6.45 -8.19
CA ILE D 150 0.94 -7.50 -8.28
C ILE D 150 0.90 -8.19 -9.64
N ARG D 151 -0.31 -8.59 -10.08
CA ARG D 151 -0.43 -9.32 -11.36
C ARG D 151 0.00 -8.44 -12.53
N LEU D 152 -0.39 -7.17 -12.49
CA LEU D 152 0.00 -6.24 -13.54
C LEU D 152 1.51 -6.07 -13.58
N ARG D 153 2.11 -5.89 -12.41
N ARG D 153 2.12 -5.89 -12.41
CA ARG D 153 3.55 -5.71 -12.30
CA ARG D 153 3.57 -5.72 -12.38
C ARG D 153 4.34 -6.93 -12.81
C ARG D 153 4.35 -6.94 -12.85
N GLU D 154 3.83 -8.13 -12.53
CA GLU D 154 4.47 -9.37 -13.00
C GLU D 154 4.62 -9.35 -14.50
N ARG D 155 3.62 -8.75 -15.16
CA ARG D 155 3.54 -8.75 -16.61
C ARG D 155 4.07 -7.47 -17.24
N ARG D 156 4.63 -6.61 -16.38
CA ARG D 156 5.12 -5.29 -16.80
C ARG D 156 4.09 -4.50 -17.60
N VAL D 157 2.83 -4.61 -17.19
CA VAL D 157 1.76 -3.85 -17.83
C VAL D 157 1.91 -2.38 -17.47
N ASP D 158 1.89 -1.49 -18.46
CA ASP D 158 1.98 -0.06 -18.16
C ASP D 158 0.68 0.71 -18.35
N THR D 159 -0.31 0.08 -18.95
CA THR D 159 -1.57 0.77 -19.28
C THR D 159 -2.76 -0.09 -18.91
N VAL D 160 -3.71 0.49 -18.19
CA VAL D 160 -4.97 -0.20 -17.92
C VAL D 160 -6.09 0.42 -18.72
N VAL D 161 -6.98 -0.43 -19.22
CA VAL D 161 -8.13 0.00 -20.02
C VAL D 161 -9.36 -0.31 -19.20
N LEU D 162 -10.07 0.73 -18.81
CA LEU D 162 -11.18 0.56 -17.88
C LEU D 162 -12.53 0.46 -18.58
N THR D 163 -13.30 -0.55 -18.18
CA THR D 163 -14.68 -0.77 -18.65
C THR D 163 -15.53 -1.18 -17.47
N GLY D 164 -16.84 -1.05 -17.61
CA GLY D 164 -17.75 -1.54 -16.58
C GLY D 164 -18.57 -0.44 -15.94
N VAL D 165 -19.02 -0.65 -14.70
CA VAL D 165 -19.86 0.34 -14.04
C VAL D 165 -19.41 0.53 -12.60
N LEU D 166 -19.70 1.67 -11.98
CA LEU D 166 -20.30 2.85 -12.61
C LEU D 166 -19.18 3.84 -12.86
N THR D 167 -19.32 4.68 -13.89
CA THR D 167 -18.24 5.56 -14.33
C THR D 167 -17.71 6.40 -13.17
N ASP D 168 -18.62 6.89 -12.34
CA ASP D 168 -18.26 7.85 -11.29
C ASP D 168 -18.00 7.21 -9.93
N ILE D 169 -18.09 5.87 -9.85
CA ILE D 169 -17.84 5.22 -8.57
C ILE D 169 -16.76 4.14 -8.75
N CYS D 170 -17.13 2.90 -9.05
CA CYS D 170 -16.06 1.89 -9.17
C CYS D 170 -15.05 2.17 -10.28
N VAL D 171 -15.51 2.68 -11.42
CA VAL D 171 -14.55 3.02 -12.47
C VAL D 171 -13.64 4.15 -11.98
N LEU D 172 -14.23 5.21 -11.42
CA LEU D 172 -13.47 6.36 -10.93
C LEU D 172 -12.44 5.95 -9.87
N HIS D 173 -12.88 5.18 -8.87
CA HIS D 173 -11.95 4.81 -7.79
C HIS D 173 -10.81 3.94 -8.33
N THR D 174 -11.15 3.02 -9.23
CA THR D 174 -10.10 2.19 -9.83
C THR D 174 -9.08 3.07 -10.56
N ALA D 175 -9.58 4.07 -11.29
CA ALA D 175 -8.72 4.97 -12.04
C ALA D 175 -7.81 5.80 -11.13
N ILE D 176 -8.38 6.27 -10.03
CA ILE D 176 -7.59 7.06 -9.09
C ILE D 176 -6.46 6.20 -8.47
N ASP D 177 -6.79 4.98 -8.09
CA ASP D 177 -5.74 4.05 -7.60
C ASP D 177 -4.70 3.80 -8.69
N ALA D 178 -5.16 3.55 -9.92
CA ALA D 178 -4.24 3.29 -11.03
C ALA D 178 -3.29 4.47 -11.24
N TYR D 179 -3.83 5.67 -11.13
CA TYR D 179 -3.03 6.88 -11.29
C TYR D 179 -1.99 7.00 -10.18
N ASN D 180 -2.41 6.74 -8.96
CA ASN D 180 -1.47 6.85 -7.85
C ASN D 180 -0.38 5.77 -7.94
N LEU D 181 -0.69 4.66 -8.60
CA LEU D 181 0.27 3.56 -8.81
C LEU D 181 1.06 3.69 -10.12
N GLY D 182 0.91 4.82 -10.82
CA GLY D 182 1.77 5.09 -11.96
C GLY D 182 1.41 4.44 -13.27
N TYR D 183 0.16 3.96 -13.40
CA TYR D 183 -0.32 3.42 -14.67
C TYR D 183 -0.80 4.51 -15.62
N GLN D 184 -0.60 4.28 -16.92
CA GLN D 184 -1.35 5.04 -17.91
C GLN D 184 -2.76 4.48 -17.90
N ILE D 185 -3.74 5.31 -18.24
CA ILE D 185 -5.13 4.93 -18.13
C ILE D 185 -5.84 5.23 -19.45
N GLU D 186 -6.58 4.26 -19.96
CA GLU D 186 -7.54 4.51 -21.04
C GLU D 186 -8.93 4.17 -20.51
N VAL D 187 -9.94 4.87 -21.01
CA VAL D 187 -11.29 4.54 -20.57
C VAL D 187 -12.16 4.45 -21.82
N VAL D 188 -12.86 3.33 -21.99
CA VAL D 188 -13.71 3.16 -23.18
C VAL D 188 -15.09 3.74 -22.90
N GLN D 189 -15.35 4.90 -23.49
CA GLN D 189 -16.56 5.66 -23.22
C GLN D 189 -17.85 4.85 -23.48
N SER D 190 -17.83 4.02 -24.50
CA SER D 190 -19.01 3.27 -24.88
C SER D 190 -19.18 2.00 -24.07
N ALA D 191 -18.26 1.75 -23.13
CA ALA D 191 -18.31 0.53 -22.33
C ALA D 191 -18.16 0.83 -20.84
N VAL D 192 -18.50 2.05 -20.45
CA VAL D 192 -18.71 2.39 -19.05
C VAL D 192 -20.03 3.15 -18.99
N ALA D 193 -20.68 3.15 -17.83
CA ALA D 193 -21.96 3.86 -17.70
C ALA D 193 -22.19 4.25 -16.27
N SER D 194 -22.94 5.34 -16.11
CA SER D 194 -23.33 5.87 -14.82
C SER D 194 -24.85 6.01 -14.76
N LEU D 195 -25.37 6.39 -13.59
CA LEU D 195 -26.81 6.56 -13.36
C LEU D 195 -27.35 7.78 -14.10
N SER D 196 -26.49 8.76 -14.34
CA SER D 196 -26.91 9.96 -15.07
C SER D 196 -25.80 10.38 -16.00
N GLN D 197 -26.14 11.11 -17.05
CA GLN D 197 -25.13 11.59 -17.99
C GLN D 197 -24.22 12.59 -17.29
N GLU D 198 -24.80 13.37 -16.36
CA GLU D 198 -24.08 14.36 -15.59
C GLU D 198 -22.92 13.75 -14.84
N ASN D 199 -23.19 12.66 -14.13
CA ASN D 199 -22.13 11.97 -13.37
C ASN D 199 -21.14 11.24 -14.26
N HIS D 200 -21.65 10.67 -15.35
CA HIS D 200 -20.83 10.00 -16.33
C HIS D 200 -19.86 11.02 -16.87
N GLN D 201 -20.36 12.20 -17.21
CA GLN D 201 -19.50 13.23 -17.78
C GLN D 201 -18.53 13.79 -16.73
N PHE D 202 -18.99 14.00 -15.50
CA PHE D 202 -18.07 14.44 -14.45
C PHE D 202 -16.89 13.49 -14.36
N ALA D 203 -17.19 12.20 -14.34
CA ALA D 203 -16.14 11.19 -14.22
C ALA D 203 -15.23 11.19 -15.44
N LEU D 204 -15.78 11.22 -16.65
CA LEU D 204 -14.91 11.26 -17.82
C LEU D 204 -13.99 12.46 -17.81
N ASN D 205 -14.53 13.63 -17.45
CA ASN D 205 -13.74 14.86 -17.40
C ASN D 205 -12.65 14.74 -16.34
N HIS D 206 -13.01 14.19 -15.19
CA HIS D 206 -12.01 13.94 -14.15
C HIS D 206 -10.93 12.97 -14.64
N LEU D 207 -11.33 11.85 -15.21
CA LEU D 207 -10.34 10.91 -15.73
C LEU D 207 -9.38 11.59 -16.71
N GLN D 208 -9.93 12.31 -17.69
CA GLN D 208 -9.08 12.93 -18.71
C GLN D 208 -8.24 14.09 -18.17
N ASN D 209 -8.90 15.02 -17.50
CA ASN D 209 -8.29 16.29 -17.14
C ASN D 209 -7.52 16.28 -15.82
N VAL D 210 -7.85 15.33 -14.95
CA VAL D 210 -7.17 15.25 -13.65
C VAL D 210 -6.21 14.07 -13.57
N LEU D 211 -6.57 12.95 -14.18
CA LEU D 211 -5.73 11.76 -14.16
C LEU D 211 -4.93 11.55 -15.45
N GLY D 212 -5.21 12.35 -16.48
CA GLY D 212 -4.48 12.25 -17.74
C GLY D 212 -4.87 11.02 -18.55
N ALA D 213 -6.07 10.52 -18.32
CA ALA D 213 -6.51 9.31 -19.00
C ALA D 213 -6.84 9.64 -20.44
N THR D 214 -6.70 8.64 -21.32
CA THR D 214 -7.19 8.79 -22.70
C THR D 214 -8.59 8.22 -22.80
N ILE D 215 -9.53 9.04 -23.26
CA ILE D 215 -10.89 8.57 -23.45
C ILE D 215 -10.98 7.96 -24.86
N ILE D 216 -11.41 6.71 -24.92
CA ILE D 216 -11.51 6.00 -26.19
C ILE D 216 -12.97 5.85 -26.61
#